data_3B5I
#
_entry.id   3B5I
#
_cell.length_a   67.270
_cell.length_b   129.400
_cell.length_c   68.330
_cell.angle_alpha   90.00
_cell.angle_beta   112.30
_cell.angle_gamma   90.00
#
_symmetry.space_group_name_H-M   'P 1 21 1'
#
loop_
_entity.id
_entity.type
_entity.pdbx_description
1 polymer 'S-adenosyl-L-methionine:salicylic acid carboxyl methyltransferase-like protein'
2 non-polymer S-ADENOSYL-L-HOMOCYSTEINE
3 non-polymer 'MAGNESIUM ION'
4 water water
#
_entity_poly.entity_id   1
_entity_poly.type   'polypeptide(L)'
_entity_poly.pdbx_seq_one_letter_code
;MKLERLLSMKGGKGQDSYANNSLAQAMHARSMLHLLEETLENVHLNSSASPPPFTAVDLGCSSGANTVHIIDFIVKHISK
RFDAAGIDPPEFTAFFSDLPSNDFNTLFQLLPPLVSNTCMEECLAADGNRSYFVAGVPGSFYRRLFPARTIDFFHSAFSL
HWLSQVPESVTDRRSAAYNRGRVFIHGAGEKTTTAYKRQFQADLAEFLRARAAEVKRGGAMFLVCLGRTSVDPTDQGGAG
LLFGTHFQDAWDDLVREGLVAAEKRDGFNIPVYAPSLQDFKEVVDANGSFAIDKLVVYKGGSPLVVNEPDDASEVGRAFA
SSCRSVAGVLVEAHIGEELSNKLFSRVESRATSHAKDVLVNLQFFHIVASLSFT
;
_entity_poly.pdbx_strand_id   A,B
#
# COMPACT_ATOMS: atom_id res chain seq x y z
N ALA A 26 19.58 -21.80 -10.92
CA ALA A 26 18.14 -21.37 -10.97
C ALA A 26 17.19 -22.44 -11.56
N MET A 27 17.75 -23.57 -12.00
CA MET A 27 16.95 -24.68 -12.54
C MET A 27 16.37 -25.60 -11.45
N HIS A 28 15.67 -24.97 -10.51
CA HIS A 28 14.92 -25.66 -9.46
C HIS A 28 13.63 -24.92 -9.18
N ALA A 29 13.53 -23.73 -9.78
CA ALA A 29 12.31 -22.94 -9.74
C ALA A 29 11.25 -23.57 -10.65
N ARG A 30 11.71 -24.21 -11.73
CA ARG A 30 10.82 -24.94 -12.65
C ARG A 30 10.23 -26.17 -11.97
N SER A 31 10.99 -26.72 -11.02
CA SER A 31 10.56 -27.86 -10.24
C SER A 31 9.64 -27.43 -9.09
N MET A 32 9.90 -26.25 -8.53
CA MET A 32 9.09 -25.68 -7.45
C MET A 32 7.77 -25.09 -7.92
N LEU A 33 7.76 -24.54 -9.13
CA LEU A 33 6.52 -24.11 -9.74
C LEU A 33 5.56 -25.30 -9.91
N HIS A 34 6.09 -26.51 -9.83
CA HIS A 34 5.25 -27.70 -9.96
C HIS A 34 4.44 -27.94 -8.72
N LEU A 35 5.07 -27.83 -7.56
CA LEU A 35 4.42 -28.03 -6.28
C LEU A 35 3.28 -27.04 -6.12
N LEU A 36 3.51 -25.81 -6.56
CA LEU A 36 2.50 -24.78 -6.56
C LEU A 36 1.35 -25.15 -7.49
N GLU A 37 1.66 -25.65 -8.68
CA GLU A 37 0.62 -26.10 -9.64
C GLU A 37 -0.29 -27.13 -9.02
N GLU A 38 0.33 -28.10 -8.35
CA GLU A 38 -0.40 -29.14 -7.65
C GLU A 38 -1.36 -28.64 -6.58
N THR A 39 -0.94 -27.70 -5.75
CA THR A 39 -1.82 -27.14 -4.74
C THR A 39 -2.97 -26.37 -5.39
N LEU A 40 -2.64 -25.69 -6.48
CA LEU A 40 -3.61 -24.90 -7.22
C LEU A 40 -4.74 -25.76 -7.78
N GLU A 41 -4.40 -27.01 -8.10
CA GLU A 41 -5.39 -28.01 -8.55
C GLU A 41 -6.38 -28.41 -7.47
N ASN A 42 -5.93 -28.41 -6.21
CA ASN A 42 -6.77 -28.84 -5.08
C ASN A 42 -7.87 -27.88 -4.71
N VAL A 43 -7.90 -26.69 -5.33
CA VAL A 43 -8.87 -25.65 -4.96
C VAL A 43 -10.23 -25.85 -5.64
N HIS A 44 -11.29 -25.85 -4.82
CA HIS A 44 -12.66 -26.00 -5.31
C HIS A 44 -13.11 -24.78 -6.09
N LEU A 45 -13.13 -24.92 -7.42
CA LEU A 45 -13.59 -23.86 -8.29
C LEU A 45 -15.12 -23.81 -8.33
N ASN A 46 -15.67 -22.59 -8.31
CA ASN A 46 -17.10 -22.41 -8.43
C ASN A 46 -17.60 -22.96 -9.76
N SER A 47 -18.64 -23.80 -9.67
CA SER A 47 -19.14 -24.52 -10.83
C SER A 47 -19.95 -23.60 -11.76
N SER A 48 -20.79 -22.74 -11.18
CA SER A 48 -21.68 -21.81 -11.89
C SER A 48 -21.10 -21.11 -13.13
N ALA A 49 -21.98 -20.83 -14.09
CA ALA A 49 -21.63 -20.10 -15.30
C ALA A 49 -20.99 -18.74 -14.99
N SER A 50 -21.32 -18.17 -13.83
CA SER A 50 -20.82 -16.84 -13.43
C SER A 50 -20.17 -16.83 -12.04
N PRO A 51 -18.97 -17.43 -11.91
CA PRO A 51 -18.41 -17.64 -10.57
C PRO A 51 -18.01 -16.29 -9.95
N PRO A 52 -18.18 -16.14 -8.61
CA PRO A 52 -17.88 -14.89 -7.91
C PRO A 52 -16.38 -14.63 -7.92
N PRO A 53 -15.96 -13.41 -7.57
CA PRO A 53 -14.55 -13.05 -7.67
C PRO A 53 -13.65 -13.95 -6.86
N PHE A 54 -12.45 -14.16 -7.37
CA PHE A 54 -11.49 -15.06 -6.81
C PHE A 54 -10.43 -14.22 -6.08
N THR A 55 -10.07 -14.66 -4.89
CA THR A 55 -9.14 -13.91 -4.08
C THR A 55 -7.90 -14.70 -3.77
N ALA A 56 -6.74 -14.11 -4.07
CA ALA A 56 -5.45 -14.74 -3.79
C ALA A 56 -4.56 -13.80 -2.97
N VAL A 57 -3.84 -14.36 -2.01
CA VAL A 57 -2.98 -13.54 -1.13
C VAL A 57 -1.50 -14.00 -1.03
N ASP A 58 -0.56 -13.09 -1.31
CA ASP A 58 0.83 -13.42 -1.11
C ASP A 58 1.29 -12.90 0.26
N LEU A 59 1.46 -13.82 1.19
CA LEU A 59 1.82 -13.48 2.56
C LEU A 59 3.32 -13.35 2.75
N GLY A 60 3.75 -12.17 3.17
CA GLY A 60 5.16 -11.90 3.34
C GLY A 60 5.74 -11.59 1.97
N CYS A 61 5.02 -10.75 1.26
CA CYS A 61 5.52 -10.28 -0.02
C CYS A 61 6.64 -9.30 0.31
N SER A 62 7.10 -8.55 -0.65
CA SER A 62 8.14 -7.64 -0.30
C SER A 62 7.93 -6.52 -1.28
N SER A 63 8.98 -6.11 -1.97
CA SER A 63 8.86 -5.05 -2.95
C SER A 63 9.52 -5.47 -4.26
N GLY A 64 9.91 -6.74 -4.33
CA GLY A 64 10.57 -7.28 -5.48
C GLY A 64 9.58 -7.75 -6.52
N ALA A 65 10.12 -8.24 -7.64
CA ALA A 65 9.34 -8.82 -8.71
C ALA A 65 8.90 -10.27 -8.43
N ASN A 66 9.60 -10.99 -7.54
CA ASN A 66 9.17 -12.32 -7.13
C ASN A 66 7.67 -12.34 -6.78
N THR A 67 7.21 -11.37 -5.98
CA THR A 67 5.80 -11.36 -5.54
C THR A 67 4.81 -11.26 -6.70
N VAL A 68 5.10 -10.40 -7.66
CA VAL A 68 4.21 -10.12 -8.75
C VAL A 68 4.15 -11.31 -9.71
N HIS A 69 5.26 -12.01 -9.84
CA HIS A 69 5.32 -13.13 -10.75
C HIS A 69 4.54 -14.34 -10.30
N ILE A 70 4.65 -14.72 -9.02
CA ILE A 70 3.81 -15.80 -8.50
C ILE A 70 2.30 -15.47 -8.51
N ILE A 71 1.97 -14.19 -8.26
CA ILE A 71 0.56 -13.77 -8.30
C ILE A 71 0.11 -13.97 -9.73
N ASP A 72 0.97 -13.52 -10.65
CA ASP A 72 0.74 -13.67 -12.08
C ASP A 72 0.47 -15.11 -12.42
N PHE A 73 1.34 -15.97 -11.92
CA PHE A 73 1.29 -17.40 -12.13
C PHE A 73 0.05 -18.00 -11.55
N ILE A 74 -0.35 -17.53 -10.36
CA ILE A 74 -1.51 -18.06 -9.68
C ILE A 74 -2.76 -17.79 -10.53
N VAL A 75 -3.03 -16.53 -10.81
CA VAL A 75 -4.26 -16.18 -11.52
C VAL A 75 -4.29 -16.79 -12.94
N LYS A 76 -3.11 -16.93 -13.53
CA LYS A 76 -2.96 -17.54 -14.83
C LYS A 76 -3.41 -19.02 -14.85
N HIS A 77 -3.05 -19.78 -13.80
CA HIS A 77 -3.39 -21.19 -13.73
C HIS A 77 -4.85 -21.37 -13.42
N ILE A 78 -5.36 -20.56 -12.49
CA ILE A 78 -6.76 -20.59 -12.15
C ILE A 78 -7.60 -20.27 -13.38
N SER A 79 -7.22 -19.24 -14.12
CA SER A 79 -7.92 -18.93 -15.34
C SER A 79 -7.92 -20.16 -16.25
N LYS A 80 -6.75 -20.72 -16.51
CA LYS A 80 -6.63 -21.88 -17.40
C LYS A 80 -7.52 -23.06 -16.98
N ARG A 81 -7.75 -23.23 -15.67
CA ARG A 81 -8.67 -24.26 -15.19
C ARG A 81 -10.08 -23.94 -15.64
N PHE A 82 -10.46 -22.68 -15.46
CA PHE A 82 -11.79 -22.24 -15.81
C PHE A 82 -12.06 -22.48 -17.28
N ASP A 83 -11.12 -22.08 -18.14
CA ASP A 83 -11.22 -22.34 -19.57
C ASP A 83 -11.36 -23.81 -19.90
N ALA A 84 -10.71 -24.68 -19.10
CA ALA A 84 -10.79 -26.14 -19.28
C ALA A 84 -12.19 -26.70 -19.02
N ALA A 85 -13.02 -25.94 -18.31
CA ALA A 85 -14.41 -26.31 -18.08
C ALA A 85 -15.36 -25.47 -18.92
N GLY A 86 -14.79 -24.68 -19.84
CA GLY A 86 -15.54 -23.81 -20.74
C GLY A 86 -16.20 -22.60 -20.08
N ILE A 87 -15.58 -22.08 -19.02
CA ILE A 87 -16.13 -20.94 -18.29
C ILE A 87 -15.24 -19.71 -18.45
N ASP A 88 -15.85 -18.53 -18.49
CA ASP A 88 -15.10 -17.27 -18.38
C ASP A 88 -14.51 -17.17 -16.98
N PRO A 89 -13.21 -16.90 -16.90
CA PRO A 89 -12.62 -16.72 -15.58
C PRO A 89 -13.27 -15.58 -14.79
N PRO A 90 -13.41 -15.76 -13.47
CA PRO A 90 -14.04 -14.77 -12.63
C PRO A 90 -13.11 -13.57 -12.50
N GLU A 91 -13.61 -12.48 -11.90
CA GLU A 91 -12.69 -11.37 -11.59
C GLU A 91 -11.69 -11.77 -10.51
N PHE A 92 -10.49 -11.22 -10.58
CA PHE A 92 -9.41 -11.60 -9.66
C PHE A 92 -8.94 -10.41 -8.85
N THR A 93 -8.73 -10.64 -7.55
CA THR A 93 -8.07 -9.68 -6.67
C THR A 93 -6.83 -10.33 -6.11
N ALA A 94 -5.76 -9.56 -6.06
CA ALA A 94 -4.53 -10.04 -5.48
C ALA A 94 -4.21 -9.18 -4.27
N PHE A 95 -3.96 -9.83 -3.14
CA PHE A 95 -3.55 -9.09 -1.94
C PHE A 95 -2.07 -9.31 -1.63
N PHE A 96 -1.37 -8.22 -1.33
CA PHE A 96 0.07 -8.28 -1.12
C PHE A 96 0.36 -7.92 0.29
N SER A 97 0.62 -8.92 1.11
CA SER A 97 0.62 -8.69 2.54
C SER A 97 2.00 -8.77 3.12
N ASP A 98 2.30 -7.81 3.97
CA ASP A 98 3.56 -7.72 4.67
C ASP A 98 3.41 -6.74 5.82
N LEU A 99 4.44 -6.66 6.63
CA LEU A 99 4.51 -5.72 7.73
C LEU A 99 4.43 -4.28 7.21
N PRO A 100 3.88 -3.35 8.02
CA PRO A 100 3.83 -1.92 7.72
C PRO A 100 5.18 -1.35 7.32
N SER A 101 6.25 -2.03 7.68
CA SER A 101 7.56 -1.50 7.31
C SER A 101 8.03 -1.96 5.94
N ASN A 102 7.26 -2.80 5.26
CA ASN A 102 7.57 -3.19 3.91
C ASN A 102 7.53 -1.98 2.99
N ASP A 103 8.26 -2.02 1.89
CA ASP A 103 8.29 -0.86 0.99
C ASP A 103 7.21 -0.97 -0.10
N PHE A 104 5.97 -0.80 0.33
CA PHE A 104 4.84 -0.90 -0.59
C PHE A 104 4.97 0.13 -1.70
N ASN A 105 5.35 1.36 -1.35
CA ASN A 105 5.57 2.36 -2.36
C ASN A 105 6.30 1.74 -3.56
N THR A 106 7.38 1.02 -3.29
CA THR A 106 8.16 0.44 -4.36
C THR A 106 7.34 -0.63 -5.05
N LEU A 107 6.76 -1.53 -4.27
CA LEU A 107 5.91 -2.60 -4.78
C LEU A 107 4.91 -2.05 -5.77
N PHE A 108 4.25 -0.95 -5.37
CA PHE A 108 3.12 -0.44 -6.13
C PHE A 108 3.54 0.12 -7.50
N GLN A 109 4.76 0.62 -7.59
CA GLN A 109 5.30 1.14 -8.86
C GLN A 109 5.64 0.06 -9.86
N LEU A 110 5.97 -1.13 -9.36
CA LEU A 110 6.22 -2.29 -10.20
C LEU A 110 4.95 -2.90 -10.78
N LEU A 111 3.84 -2.73 -10.09
CA LEU A 111 2.63 -3.38 -10.54
C LEU A 111 2.29 -2.94 -11.97
N PRO A 112 2.15 -3.90 -12.89
CA PRO A 112 1.72 -3.59 -14.26
C PRO A 112 0.28 -3.03 -14.35
N PRO A 113 0.00 -2.19 -15.38
CA PRO A 113 -1.29 -1.52 -15.53
C PRO A 113 -2.42 -2.48 -15.85
N LEU A 114 -3.66 -2.06 -15.59
CA LEU A 114 -4.82 -2.90 -15.76
C LEU A 114 -5.24 -2.96 -17.24
N VAL A 115 -5.63 -4.15 -17.70
CA VAL A 115 -6.06 -4.40 -19.09
C VAL A 115 -7.13 -3.41 -19.57
N SER A 116 -7.03 -2.99 -20.84
CA SER A 116 -8.01 -2.05 -21.42
C SER A 116 -9.22 -2.77 -22.09
N ASN A 117 -9.74 -2.22 -23.19
CA ASN A 117 -10.96 -2.71 -23.87
C ASN A 117 -10.88 -4.05 -24.61
N THR A 118 -12.06 -4.61 -24.91
CA THR A 118 -12.20 -5.83 -25.72
C THR A 118 -11.10 -6.04 -26.76
N GLU A 121 -3.58 -4.91 -30.50
CA GLU A 121 -2.72 -4.09 -29.65
C GLU A 121 -2.45 -4.69 -28.27
N GLU A 122 -3.33 -5.61 -27.85
CA GLU A 122 -3.17 -6.37 -26.60
C GLU A 122 -1.85 -7.19 -26.61
N CYS A 123 -1.78 -8.21 -27.47
CA CYS A 123 -0.61 -9.09 -27.60
C CYS A 123 -0.39 -9.51 -29.05
N ASP A 127 3.88 -12.25 -20.68
CA ASP A 127 4.00 -11.40 -19.50
C ASP A 127 3.46 -9.99 -19.77
N GLY A 128 4.25 -8.98 -19.40
CA GLY A 128 3.92 -7.58 -19.66
C GLY A 128 2.78 -7.09 -18.80
N ASN A 129 1.55 -7.34 -19.26
CA ASN A 129 0.42 -6.74 -18.56
C ASN A 129 -0.34 -7.55 -17.52
N ARG A 130 -1.21 -6.85 -16.79
CA ARG A 130 -1.92 -7.34 -15.61
C ARG A 130 -3.42 -7.42 -15.88
N SER A 131 -4.06 -8.48 -15.38
CA SER A 131 -5.48 -8.66 -15.59
C SER A 131 -6.15 -9.11 -14.29
N TYR A 132 -5.89 -8.36 -13.22
CA TYR A 132 -6.47 -8.61 -11.92
C TYR A 132 -6.36 -7.35 -11.11
N PHE A 133 -7.28 -7.16 -10.17
CA PHE A 133 -7.20 -6.02 -9.27
C PHE A 133 -6.14 -6.27 -8.18
N VAL A 134 -5.59 -5.18 -7.63
CA VAL A 134 -4.51 -5.28 -6.62
C VAL A 134 -4.76 -4.50 -5.34
N ALA A 135 -4.08 -4.91 -4.28
CA ALA A 135 -4.23 -4.26 -2.98
C ALA A 135 -3.07 -4.69 -2.08
N GLY A 136 -2.51 -3.72 -1.36
CA GLY A 136 -1.43 -4.01 -0.45
C GLY A 136 -1.93 -4.00 0.96
N VAL A 137 -1.53 -5.00 1.75
CA VAL A 137 -2.13 -5.17 3.06
C VAL A 137 -1.08 -5.08 4.16
N PRO A 138 -1.12 -3.97 4.94
CA PRO A 138 -0.23 -3.81 6.10
C PRO A 138 -0.70 -4.52 7.38
N GLY A 139 0.19 -5.30 7.97
CA GLY A 139 -0.04 -5.92 9.26
C GLY A 139 0.69 -7.25 9.36
N SER A 140 0.83 -7.76 10.57
CA SER A 140 1.51 -9.01 10.78
C SER A 140 0.60 -10.20 10.45
N PHE A 141 1.09 -11.15 9.65
CA PHE A 141 0.24 -12.32 9.34
C PHE A 141 0.19 -13.36 10.48
N TYR A 142 0.82 -13.07 11.62
CA TYR A 142 0.66 -13.91 12.78
C TYR A 142 -0.65 -13.60 13.53
N ARG A 143 -1.57 -12.93 12.82
CA ARG A 143 -2.91 -12.60 13.33
C ARG A 143 -3.84 -12.21 12.17
N ARG A 144 -5.10 -11.94 12.45
CA ARG A 144 -6.09 -11.73 11.39
C ARG A 144 -5.74 -10.58 10.42
N LEU A 145 -5.99 -10.79 9.14
CA LEU A 145 -5.72 -9.76 8.17
C LEU A 145 -6.95 -9.52 7.28
N PHE A 146 -7.89 -10.47 7.30
CA PHE A 146 -9.01 -10.38 6.37
C PHE A 146 -10.29 -10.84 7.03
N PRO A 147 -11.43 -10.42 6.48
CA PRO A 147 -12.71 -10.93 6.99
C PRO A 147 -12.81 -12.44 6.80
N ALA A 148 -13.60 -13.09 7.66
CA ALA A 148 -13.82 -14.56 7.66
C ALA A 148 -14.22 -15.11 6.31
N ARG A 149 -13.71 -16.26 5.95
CA ARG A 149 -14.16 -16.92 4.74
C ARG A 149 -14.18 -15.97 3.55
N THR A 150 -13.09 -15.31 3.21
CA THR A 150 -13.08 -14.46 2.00
C THR A 150 -11.90 -14.67 1.07
N ILE A 151 -11.00 -15.59 1.43
CA ILE A 151 -9.83 -15.85 0.63
C ILE A 151 -9.88 -17.26 0.03
N ASP A 152 -9.60 -17.38 -1.27
CA ASP A 152 -9.56 -18.64 -1.98
C ASP A 152 -8.23 -19.32 -1.83
N PHE A 153 -7.15 -18.56 -2.03
CA PHE A 153 -5.81 -19.13 -2.01
C PHE A 153 -4.80 -18.24 -1.28
N PHE A 154 -4.19 -18.80 -0.24
CA PHE A 154 -3.11 -18.12 0.47
C PHE A 154 -1.82 -18.73 -0.02
N HIS A 155 -0.88 -17.85 -0.33
CA HIS A 155 0.48 -18.21 -0.69
C HIS A 155 1.48 -17.54 0.28
N SER A 156 2.50 -18.28 0.70
CA SER A 156 3.58 -17.75 1.52
C SER A 156 4.91 -18.38 1.12
N ALA A 157 5.95 -17.58 1.00
CA ALA A 157 7.25 -18.14 0.64
C ALA A 157 8.34 -17.44 1.45
N PHE A 158 9.19 -18.24 2.07
CA PHE A 158 10.36 -17.75 2.81
C PHE A 158 10.02 -16.56 3.67
N SER A 159 9.03 -16.77 4.52
CA SER A 159 8.59 -15.77 5.44
C SER A 159 8.32 -16.38 6.81
N LEU A 160 7.82 -17.62 6.83
CA LEU A 160 7.33 -18.21 8.08
C LEU A 160 8.45 -18.54 9.07
N HIS A 161 9.69 -18.38 8.63
CA HIS A 161 10.85 -18.69 9.48
C HIS A 161 11.28 -17.48 10.32
N TRP A 162 10.58 -16.37 10.12
CA TRP A 162 10.78 -15.14 10.86
C TRP A 162 9.89 -15.08 12.07
N LEU A 163 10.49 -15.23 13.25
CA LEU A 163 9.77 -15.11 14.52
C LEU A 163 9.08 -13.77 14.62
N SER A 164 7.91 -13.79 15.25
CA SER A 164 7.10 -12.59 15.48
C SER A 164 7.85 -11.58 16.39
N GLN A 165 8.79 -12.12 17.16
CA GLN A 165 9.65 -11.39 18.06
C GLN A 165 10.75 -12.35 18.52
N VAL A 166 11.81 -11.77 19.08
CA VAL A 166 12.78 -12.55 19.85
C VAL A 166 11.99 -13.09 21.06
N PRO A 167 12.20 -14.37 21.43
CA PRO A 167 11.48 -14.85 22.62
C PRO A 167 11.90 -14.06 23.87
N GLU A 168 10.90 -13.60 24.61
CA GLU A 168 11.10 -12.75 25.79
C GLU A 168 12.18 -13.31 26.73
N SER A 169 12.19 -14.64 26.86
CA SER A 169 13.02 -15.31 27.82
C SER A 169 14.50 -15.25 27.43
N VAL A 170 14.79 -15.25 26.12
CA VAL A 170 16.18 -15.09 25.67
C VAL A 170 16.71 -13.63 25.73
N THR A 171 15.80 -12.69 25.99
CA THR A 171 16.14 -11.27 26.15
C THR A 171 16.16 -10.87 27.64
N ASP A 172 15.93 -11.84 28.52
CA ASP A 172 15.96 -11.60 29.95
C ASP A 172 17.31 -12.09 30.48
N ARG A 173 18.14 -11.14 30.90
CA ARG A 173 19.52 -11.42 31.39
C ARG A 173 19.62 -12.49 32.48
N ARG A 174 18.53 -12.66 33.24
CA ARG A 174 18.53 -13.58 34.37
C ARG A 174 18.01 -14.99 34.03
N SER A 175 17.37 -15.14 32.88
CA SER A 175 16.90 -16.45 32.41
C SER A 175 18.05 -17.31 31.86
N ALA A 176 17.87 -18.63 31.90
CA ALA A 176 18.85 -19.59 31.37
C ALA A 176 18.88 -19.61 29.85
N ALA A 177 17.87 -18.99 29.24
CA ALA A 177 17.72 -18.99 27.80
C ALA A 177 18.46 -17.81 27.19
N TYR A 178 18.93 -16.90 28.04
CA TYR A 178 19.71 -15.75 27.59
C TYR A 178 20.95 -16.21 26.81
N ASN A 179 21.00 -15.83 25.54
CA ASN A 179 22.04 -16.32 24.63
C ASN A 179 23.29 -15.48 24.75
N ARG A 180 24.14 -15.86 25.69
CA ARG A 180 25.33 -15.10 26.00
C ARG A 180 26.41 -15.47 24.99
N GLY A 181 26.90 -14.45 24.29
CA GLY A 181 28.02 -14.59 23.35
C GLY A 181 27.80 -15.35 22.05
N ARG A 182 26.56 -15.33 21.52
CA ARG A 182 26.31 -16.02 20.25
C ARG A 182 25.63 -15.26 19.11
N VAL A 183 24.74 -14.31 19.41
CA VAL A 183 23.99 -13.59 18.35
C VAL A 183 22.96 -14.47 17.57
N PHE A 184 22.99 -15.79 17.78
CA PHE A 184 22.05 -16.74 17.15
C PHE A 184 22.04 -18.10 17.87
N ILE A 185 21.07 -18.97 17.56
CA ILE A 185 20.91 -20.23 18.29
C ILE A 185 21.62 -21.45 17.68
N HIS A 186 22.20 -21.31 16.49
CA HIS A 186 22.99 -22.40 15.88
C HIS A 186 24.06 -22.86 16.86
N GLY A 187 24.88 -21.95 17.34
CA GLY A 187 25.86 -22.32 18.35
C GLY A 187 25.39 -23.42 19.29
N ALA A 188 24.71 -23.02 20.37
CA ALA A 188 24.36 -23.94 21.46
C ALA A 188 23.27 -23.40 22.41
N GLY A 189 22.79 -24.30 23.28
CA GLY A 189 22.00 -23.94 24.46
C GLY A 189 20.58 -24.47 24.42
N GLU A 190 20.35 -25.62 25.03
CA GLU A 190 19.01 -26.25 24.99
C GLU A 190 17.90 -25.32 25.50
N LYS A 191 18.19 -24.58 26.56
CA LYS A 191 17.17 -23.71 27.15
C LYS A 191 16.87 -22.55 26.17
N THR A 192 17.89 -22.19 25.39
CA THR A 192 17.82 -21.16 24.35
C THR A 192 17.16 -21.68 23.06
N THR A 193 17.49 -22.90 22.68
CA THR A 193 17.00 -23.46 21.43
C THR A 193 15.51 -23.79 21.57
N THR A 194 15.12 -24.32 22.74
CA THR A 194 13.71 -24.68 22.99
C THR A 194 12.82 -23.49 23.24
N ALA A 195 13.43 -22.34 23.54
CA ALA A 195 12.69 -21.09 23.66
C ALA A 195 12.28 -20.61 22.27
N TYR A 196 13.20 -20.74 21.31
CA TYR A 196 12.95 -20.39 19.91
C TYR A 196 11.84 -21.23 19.27
N LYS A 197 11.96 -22.54 19.40
CA LYS A 197 11.01 -23.51 18.87
C LYS A 197 9.57 -23.24 19.35
N ARG A 198 9.44 -23.05 20.67
CA ARG A 198 8.17 -22.64 21.28
C ARG A 198 7.65 -21.38 20.63
N GLN A 199 8.55 -20.41 20.43
CA GLN A 199 8.19 -19.16 19.79
C GLN A 199 7.70 -19.42 18.37
N PHE A 200 8.43 -20.25 17.62
CA PHE A 200 8.02 -20.63 16.29
C PHE A 200 6.61 -21.25 16.31
N GLN A 201 6.43 -22.32 17.08
CA GLN A 201 5.18 -23.04 17.16
C GLN A 201 3.97 -22.23 17.67
N ALA A 202 4.22 -21.21 18.49
CA ALA A 202 3.15 -20.29 18.88
C ALA A 202 2.80 -19.42 17.69
N ASP A 203 3.82 -18.86 17.04
CA ASP A 203 3.64 -17.96 15.90
C ASP A 203 2.85 -18.70 14.83
N LEU A 204 3.30 -19.91 14.51
CA LEU A 204 2.76 -20.68 13.39
C LEU A 204 1.38 -21.17 13.77
N ALA A 205 1.09 -21.20 15.06
CA ALA A 205 -0.24 -21.63 15.50
C ALA A 205 -1.24 -20.50 15.30
N GLU A 206 -0.83 -19.32 15.74
CA GLU A 206 -1.60 -18.09 15.57
C GLU A 206 -1.88 -17.87 14.07
N PHE A 207 -0.84 -18.00 13.26
CA PHE A 207 -0.94 -17.90 11.80
C PHE A 207 -1.99 -18.86 11.22
N LEU A 208 -1.93 -20.13 11.62
CA LEU A 208 -2.80 -21.14 11.07
C LEU A 208 -4.24 -20.88 11.45
N ARG A 209 -4.48 -20.63 12.74
CA ARG A 209 -5.79 -20.17 13.22
C ARG A 209 -6.33 -18.97 12.44
N ALA A 210 -5.51 -17.94 12.25
CA ALA A 210 -5.87 -16.80 11.41
C ALA A 210 -6.26 -17.27 10.01
N ARG A 211 -5.41 -18.09 9.40
CA ARG A 211 -5.68 -18.50 8.03
C ARG A 211 -6.96 -19.30 7.90
N ALA A 212 -7.16 -20.25 8.81
CA ALA A 212 -8.35 -21.08 8.83
C ALA A 212 -9.63 -20.25 8.85
N ALA A 213 -9.65 -19.17 9.66
CA ALA A 213 -10.83 -18.30 9.73
C ALA A 213 -11.06 -17.54 8.41
N GLU A 214 -10.01 -17.40 7.60
CA GLU A 214 -10.10 -16.57 6.42
C GLU A 214 -10.28 -17.31 5.08
N VAL A 215 -9.87 -18.58 4.97
CA VAL A 215 -10.10 -19.38 3.75
C VAL A 215 -11.57 -19.66 3.47
N LYS A 216 -11.93 -19.75 2.19
CA LYS A 216 -13.26 -20.19 1.76
C LYS A 216 -13.36 -21.67 2.05
N ARG A 217 -14.59 -22.19 2.12
CA ARG A 217 -14.78 -23.63 2.33
C ARG A 217 -13.88 -24.45 1.42
N GLY A 218 -13.88 -24.19 0.12
CA GLY A 218 -13.11 -25.08 -0.77
C GLY A 218 -11.71 -24.64 -1.14
N GLY A 219 -11.02 -23.97 -0.22
CA GLY A 219 -9.76 -23.28 -0.58
C GLY A 219 -8.47 -23.95 -0.08
N ALA A 220 -7.31 -23.50 -0.53
CA ALA A 220 -6.07 -24.19 -0.22
C ALA A 220 -4.94 -23.25 0.18
N MET A 221 -3.85 -23.80 0.71
CA MET A 221 -2.72 -23.00 1.15
C MET A 221 -1.41 -23.65 0.72
N PHE A 222 -0.56 -22.86 0.08
CA PHE A 222 0.76 -23.28 -0.30
C PHE A 222 1.78 -22.61 0.62
N LEU A 223 2.51 -23.40 1.40
CA LEU A 223 3.55 -22.84 2.28
C LEU A 223 4.98 -23.35 1.96
N VAL A 224 5.92 -22.43 1.87
CA VAL A 224 7.31 -22.78 1.75
C VAL A 224 8.19 -21.89 2.59
N CYS A 225 8.74 -22.45 3.66
CA CYS A 225 9.83 -21.79 4.41
C CYS A 225 11.07 -22.66 4.49
N LEU A 226 12.19 -22.06 4.94
CA LEU A 226 13.39 -22.84 5.14
C LEU A 226 13.34 -23.66 6.43
N GLY A 227 13.92 -24.85 6.36
CA GLY A 227 13.90 -25.77 7.47
C GLY A 227 15.23 -26.45 7.54
N ARG A 228 15.27 -27.56 8.26
CA ARG A 228 16.48 -28.27 8.59
C ARG A 228 16.10 -29.73 8.70
N THR A 229 17.09 -30.60 8.73
CA THR A 229 16.86 -32.03 8.87
C THR A 229 17.31 -32.49 10.24
N SER A 230 18.24 -31.73 10.82
CA SER A 230 18.72 -31.95 12.17
C SER A 230 17.58 -32.19 13.14
N VAL A 231 17.75 -33.15 14.02
CA VAL A 231 16.75 -33.43 15.04
C VAL A 231 16.83 -32.38 16.14
N ASP A 232 18.03 -31.87 16.36
CA ASP A 232 18.31 -30.93 17.45
C ASP A 232 18.30 -29.47 16.97
N PRO A 233 17.37 -28.65 17.51
CA PRO A 233 17.24 -27.22 17.20
C PRO A 233 18.56 -26.41 17.25
N THR A 234 19.60 -27.00 17.84
CA THR A 234 20.92 -26.38 17.91
C THR A 234 21.61 -26.37 16.55
N ASP A 235 21.25 -27.30 15.68
CA ASP A 235 21.85 -27.33 14.36
C ASP A 235 20.83 -26.83 13.37
N GLN A 236 20.96 -25.56 13.02
CA GLN A 236 20.00 -24.85 12.20
C GLN A 236 20.23 -24.95 10.68
N GLY A 237 20.85 -26.05 10.25
CA GLY A 237 21.18 -26.26 8.84
C GLY A 237 21.64 -24.96 8.17
N GLY A 238 20.96 -24.61 7.08
CA GLY A 238 21.36 -23.51 6.20
C GLY A 238 21.53 -22.22 6.94
N ALA A 239 20.43 -21.81 7.59
CA ALA A 239 20.39 -20.63 8.45
C ALA A 239 21.46 -20.65 9.53
N GLY A 240 21.89 -21.86 9.92
CA GLY A 240 22.96 -22.02 10.86
C GLY A 240 24.27 -21.51 10.27
N LEU A 241 24.52 -21.88 9.02
CA LEU A 241 25.75 -21.45 8.36
C LEU A 241 25.66 -20.04 7.79
N LEU A 242 24.46 -19.49 7.74
CA LEU A 242 24.28 -18.14 7.23
C LEU A 242 24.46 -17.09 8.31
N PHE A 243 23.96 -17.39 9.51
CA PHE A 243 24.02 -16.49 10.67
C PHE A 243 25.00 -16.89 11.78
N GLY A 244 25.53 -18.10 11.75
CA GLY A 244 26.29 -18.62 12.88
C GLY A 244 27.76 -18.87 12.62
N THR A 245 28.26 -18.49 11.46
CA THR A 245 29.68 -18.63 11.17
C THR A 245 30.36 -17.28 11.10
N HIS A 246 30.43 -16.72 9.89
CA HIS A 246 31.13 -15.46 9.69
C HIS A 246 30.37 -14.27 10.27
N PHE A 247 29.06 -14.40 10.36
CA PHE A 247 28.20 -13.32 10.86
C PHE A 247 28.36 -13.02 12.34
N GLN A 248 28.42 -14.06 13.19
CA GLN A 248 28.74 -13.85 14.60
C GLN A 248 30.25 -13.70 14.88
N ASP A 249 31.10 -14.23 14.00
CA ASP A 249 32.56 -14.03 14.07
C ASP A 249 32.95 -12.58 13.86
N ALA A 250 32.24 -11.89 12.97
CA ALA A 250 32.39 -10.44 12.76
C ALA A 250 31.91 -9.65 13.97
N TRP A 251 30.77 -10.06 14.51
CA TRP A 251 30.28 -9.59 15.82
C TRP A 251 31.30 -9.84 16.94
N ASP A 252 32.16 -10.85 16.76
CA ASP A 252 33.17 -11.22 17.73
C ASP A 252 34.45 -10.42 17.51
N ASP A 253 34.58 -9.83 16.32
CA ASP A 253 35.73 -9.02 15.93
C ASP A 253 35.49 -7.54 16.24
N LEU A 254 34.22 -7.19 16.45
CA LEU A 254 33.86 -5.84 16.90
C LEU A 254 33.77 -5.73 18.42
N VAL A 255 33.97 -6.86 19.11
CA VAL A 255 34.08 -6.89 20.57
C VAL A 255 35.51 -7.23 21.00
N ARG A 256 36.26 -7.83 20.09
CA ARG A 256 37.70 -8.03 20.26
C ARG A 256 38.39 -6.73 19.84
N GLU A 257 37.57 -5.74 19.50
CA GLU A 257 38.00 -4.37 19.26
C GLU A 257 37.51 -3.52 20.41
N GLY A 258 37.21 -2.27 20.08
CA GLY A 258 36.33 -1.45 20.90
C GLY A 258 35.08 -1.31 20.08
N LEU A 259 34.41 -0.16 20.21
CA LEU A 259 33.22 0.17 19.41
C LEU A 259 31.95 -0.63 19.77
N VAL A 260 32.13 -1.86 20.27
CA VAL A 260 31.02 -2.71 20.74
C VAL A 260 31.37 -3.43 22.04
N ALA A 261 30.43 -3.39 22.99
CA ALA A 261 30.56 -4.06 24.30
C ALA A 261 30.23 -5.55 24.22
N ALA A 262 30.53 -6.30 25.29
CA ALA A 262 30.27 -7.74 25.35
C ALA A 262 28.80 -8.07 25.61
N GLU A 263 28.20 -7.38 26.57
CA GLU A 263 26.78 -7.56 26.93
C GLU A 263 25.89 -6.92 25.86
N LYS A 264 26.54 -6.40 24.81
CA LYS A 264 25.85 -5.79 23.67
C LYS A 264 25.55 -6.82 22.58
N ARG A 265 26.54 -7.65 22.24
CA ARG A 265 26.35 -8.73 21.26
C ARG A 265 25.46 -9.79 21.88
N ASP A 266 25.49 -9.90 23.21
CA ASP A 266 24.66 -10.84 23.96
C ASP A 266 23.20 -10.40 23.97
N GLY A 267 22.98 -9.10 23.85
CA GLY A 267 21.64 -8.52 23.76
C GLY A 267 21.07 -8.51 22.36
N PHE A 268 21.89 -8.84 21.36
CA PHE A 268 21.41 -8.94 19.97
C PHE A 268 21.10 -10.40 19.61
N ASN A 269 19.88 -10.62 19.14
CA ASN A 269 19.46 -11.95 18.73
C ASN A 269 18.63 -11.96 17.44
N ILE A 270 19.18 -12.58 16.38
CA ILE A 270 18.47 -12.78 15.11
C ILE A 270 17.15 -13.52 15.39
N PRO A 271 16.01 -12.92 15.01
CA PRO A 271 14.77 -13.53 15.43
C PRO A 271 14.27 -14.58 14.40
N VAL A 272 15.09 -15.60 14.15
CA VAL A 272 14.86 -16.57 13.08
C VAL A 272 14.95 -18.01 13.58
N TYR A 273 13.98 -18.85 13.20
CA TYR A 273 13.98 -20.28 13.56
C TYR A 273 13.64 -21.12 12.35
N ALA A 274 14.43 -22.16 12.13
CA ALA A 274 14.27 -23.08 11.00
C ALA A 274 13.71 -24.39 11.49
N PRO A 275 12.43 -24.66 11.19
CA PRO A 275 11.84 -25.85 11.79
C PRO A 275 12.32 -27.11 11.08
N SER A 276 12.11 -28.26 11.73
CA SER A 276 12.22 -29.57 11.13
C SER A 276 10.80 -30.02 10.77
N LEU A 277 10.65 -31.11 10.01
CA LEU A 277 9.30 -31.63 9.66
C LEU A 277 8.41 -31.80 10.86
N GLN A 278 8.99 -32.37 11.90
CA GLN A 278 8.28 -32.58 13.11
C GLN A 278 7.67 -31.28 13.67
N ASP A 279 8.53 -30.27 13.91
CA ASP A 279 8.13 -28.92 14.36
C ASP A 279 6.99 -28.33 13.56
N PHE A 280 7.10 -28.41 12.23
CA PHE A 280 6.07 -27.93 11.33
C PHE A 280 4.79 -28.74 11.46
N LYS A 281 4.87 -30.02 11.07
CA LYS A 281 3.74 -30.95 11.09
C LYS A 281 2.92 -31.02 12.37
N GLU A 282 3.56 -31.01 13.53
CA GLU A 282 2.87 -30.97 14.84
C GLU A 282 1.81 -29.86 14.94
N VAL A 283 2.23 -28.63 14.62
CA VAL A 283 1.36 -27.46 14.75
C VAL A 283 0.17 -27.61 13.83
N VAL A 284 0.41 -28.18 12.65
CA VAL A 284 -0.65 -28.41 11.67
C VAL A 284 -1.76 -29.31 12.27
N ASP A 285 -1.40 -30.52 12.64
CA ASP A 285 -2.37 -31.38 13.31
C ASP A 285 -2.31 -31.08 14.81
N ALA A 286 -3.01 -30.00 15.16
CA ALA A 286 -3.05 -29.41 16.49
C ALA A 286 -3.93 -28.21 16.25
N ASN A 287 -3.78 -27.65 15.05
CA ASN A 287 -4.76 -26.73 14.52
C ASN A 287 -5.95 -27.49 13.94
N GLY A 288 -5.67 -28.52 13.15
CA GLY A 288 -6.70 -29.43 12.70
C GLY A 288 -7.78 -28.84 11.80
N SER A 289 -7.60 -27.60 11.37
CA SER A 289 -8.49 -27.02 10.38
C SER A 289 -8.13 -27.41 8.92
N PHE A 290 -6.84 -27.45 8.62
CA PHE A 290 -6.38 -27.79 7.29
C PHE A 290 -6.06 -29.26 7.19
N ALA A 291 -6.30 -29.79 6.00
CA ALA A 291 -5.87 -31.12 5.61
C ALA A 291 -4.50 -31.00 4.96
N ILE A 292 -3.65 -31.98 5.21
CA ILE A 292 -2.35 -32.03 4.59
C ILE A 292 -2.48 -32.87 3.33
N ASP A 293 -2.41 -32.22 2.18
CA ASP A 293 -2.39 -32.95 0.92
C ASP A 293 -0.99 -33.43 0.50
N LYS A 294 0.02 -32.75 1.03
CA LYS A 294 1.40 -32.98 0.66
C LYS A 294 2.29 -32.24 1.61
N LEU A 295 3.43 -32.84 1.92
CA LEU A 295 4.42 -32.23 2.80
C LEU A 295 5.77 -32.73 2.33
N VAL A 296 6.74 -31.82 2.21
CA VAL A 296 8.04 -32.16 1.63
C VAL A 296 9.20 -31.36 2.18
N VAL A 297 10.25 -32.06 2.60
CA VAL A 297 11.53 -31.43 2.88
C VAL A 297 12.47 -31.86 1.77
N TYR A 298 13.18 -30.90 1.19
CA TYR A 298 14.14 -31.20 0.12
C TYR A 298 15.33 -30.26 0.25
N LYS A 299 16.32 -30.46 -0.64
CA LYS A 299 17.47 -29.58 -0.79
C LYS A 299 17.30 -28.60 -1.96
N GLY A 300 17.13 -27.32 -1.64
CA GLY A 300 17.18 -26.27 -2.64
C GLY A 300 18.32 -25.35 -2.30
N GLY A 301 19.47 -25.96 -1.98
CA GLY A 301 20.63 -25.24 -1.41
C GLY A 301 21.28 -24.16 -2.25
N SER A 302 22.23 -23.45 -1.65
CA SER A 302 23.00 -22.37 -2.28
C SER A 302 22.16 -21.15 -2.70
N PRO A 303 21.99 -20.19 -1.78
CA PRO A 303 21.30 -18.91 -2.02
C PRO A 303 22.23 -17.76 -2.44
N LEU A 304 23.31 -18.08 -3.15
CA LEU A 304 24.25 -17.06 -3.61
C LEU A 304 24.36 -17.04 -5.13
N VAL A 305 24.08 -15.86 -5.71
CA VAL A 305 24.30 -15.63 -7.13
C VAL A 305 25.78 -15.35 -7.36
N VAL A 306 26.50 -16.36 -7.86
CA VAL A 306 27.93 -16.23 -8.11
C VAL A 306 28.24 -16.53 -9.58
N ASN A 307 28.66 -15.49 -10.28
CA ASN A 307 28.92 -15.56 -11.72
C ASN A 307 30.32 -16.06 -12.07
N GLU A 308 31.26 -15.91 -11.13
CA GLU A 308 32.59 -16.52 -11.27
C GLU A 308 32.82 -17.41 -10.05
N PRO A 309 32.46 -18.70 -10.15
CA PRO A 309 32.61 -19.66 -9.06
C PRO A 309 34.00 -19.68 -8.41
N ASP A 310 35.06 -19.87 -9.20
CA ASP A 310 36.42 -20.00 -8.66
C ASP A 310 36.96 -18.71 -8.01
N ASP A 311 36.22 -17.62 -8.18
CA ASP A 311 36.60 -16.30 -7.66
C ASP A 311 36.35 -16.20 -6.15
N ALA A 312 37.43 -16.19 -5.37
CA ALA A 312 37.33 -16.17 -3.91
C ALA A 312 36.66 -14.92 -3.34
N SER A 313 36.77 -13.79 -4.04
CA SER A 313 36.22 -12.53 -3.55
C SER A 313 34.72 -12.37 -3.79
N GLU A 314 34.23 -12.93 -4.89
CA GLU A 314 32.80 -12.92 -5.22
C GLU A 314 31.99 -13.75 -4.21
N VAL A 315 32.61 -14.80 -3.69
CA VAL A 315 32.05 -15.62 -2.63
C VAL A 315 31.77 -14.74 -1.40
N GLY A 316 32.71 -13.84 -1.11
CA GLY A 316 32.59 -12.94 0.03
C GLY A 316 31.38 -12.04 -0.02
N ARG A 317 31.35 -11.16 -1.02
CA ARG A 317 30.32 -10.13 -1.14
C ARG A 317 28.92 -10.73 -1.32
N ALA A 318 28.86 -11.85 -2.04
CA ALA A 318 27.60 -12.58 -2.19
C ALA A 318 27.07 -13.00 -0.83
N PHE A 319 27.88 -13.76 -0.10
CA PHE A 319 27.58 -14.17 1.28
C PHE A 319 27.15 -12.99 2.13
N ALA A 320 27.98 -11.95 2.13
CA ALA A 320 27.71 -10.73 2.90
C ALA A 320 26.40 -10.06 2.50
N SER A 321 26.14 -10.02 1.19
CA SER A 321 24.96 -9.33 0.66
C SER A 321 23.65 -10.02 1.05
N SER A 322 23.71 -11.33 1.27
CA SER A 322 22.56 -12.05 1.79
C SER A 322 22.27 -11.56 3.20
N CYS A 323 23.24 -11.73 4.11
CA CYS A 323 23.13 -11.26 5.50
C CYS A 323 22.52 -9.85 5.61
N ARG A 324 22.95 -8.95 4.74
CA ARG A 324 22.51 -7.56 4.72
C ARG A 324 21.01 -7.47 4.43
N SER A 325 20.62 -7.96 3.26
CA SER A 325 19.22 -7.92 2.82
C SER A 325 18.28 -8.63 3.82
N VAL A 326 18.82 -9.61 4.51
CA VAL A 326 18.06 -10.39 5.48
C VAL A 326 17.74 -9.56 6.72
N ALA A 327 18.76 -9.08 7.42
CA ALA A 327 18.54 -8.46 8.73
C ALA A 327 19.45 -7.25 9.07
N GLY A 328 19.95 -6.56 8.03
CA GLY A 328 20.83 -5.40 8.22
C GLY A 328 20.19 -4.22 8.92
N VAL A 329 18.87 -4.11 8.78
CA VAL A 329 18.08 -3.08 9.44
C VAL A 329 18.08 -3.26 10.98
N LEU A 330 18.16 -4.51 11.43
CA LEU A 330 18.18 -4.83 12.87
C LEU A 330 19.51 -4.46 13.53
N VAL A 331 20.60 -4.65 12.79
CA VAL A 331 21.95 -4.39 13.30
C VAL A 331 22.09 -2.90 13.56
N GLU A 332 21.55 -2.09 12.66
CA GLU A 332 21.64 -0.64 12.75
C GLU A 332 20.66 -0.02 13.76
N ALA A 333 19.65 -0.80 14.14
CA ALA A 333 18.71 -0.37 15.19
C ALA A 333 19.23 -0.74 16.58
N HIS A 334 20.33 -1.51 16.62
CA HIS A 334 20.93 -1.98 17.86
C HIS A 334 22.36 -1.44 18.02
N ILE A 335 22.96 -1.08 16.89
CA ILE A 335 24.35 -0.64 16.80
C ILE A 335 24.40 0.62 15.89
N GLY A 336 25.58 1.19 15.69
CA GLY A 336 25.72 2.32 14.76
C GLY A 336 25.55 1.93 13.29
N GLU A 337 25.11 2.87 12.47
CA GLU A 337 24.95 2.62 11.01
C GLU A 337 26.28 2.47 10.29
N GLU A 338 27.32 3.12 10.82
CA GLU A 338 28.68 2.98 10.29
C GLU A 338 29.38 1.84 11.02
N LEU A 339 28.95 1.61 12.26
CA LEU A 339 29.42 0.48 13.07
C LEU A 339 28.92 -0.86 12.53
N SER A 340 27.83 -0.81 11.76
CA SER A 340 27.31 -1.98 11.05
C SER A 340 28.05 -2.22 9.72
N ASN A 341 28.40 -1.13 9.04
CA ASN A 341 29.13 -1.24 7.78
C ASN A 341 30.55 -1.79 7.95
N LYS A 342 31.03 -1.81 9.19
CA LYS A 342 32.34 -2.38 9.53
C LYS A 342 32.20 -3.86 9.85
N LEU A 343 31.04 -4.25 10.39
CA LEU A 343 30.69 -5.66 10.66
C LEU A 343 30.39 -6.40 9.35
N PHE A 344 29.40 -5.88 8.61
CA PHE A 344 29.06 -6.41 7.30
C PHE A 344 30.24 -6.28 6.33
N SER A 345 31.30 -5.63 6.80
CA SER A 345 32.53 -5.47 6.05
C SER A 345 33.52 -6.55 6.48
N ARG A 346 33.33 -7.08 7.69
CA ARG A 346 34.20 -8.15 8.19
C ARG A 346 33.74 -9.54 7.75
N VAL A 347 32.43 -9.73 7.69
CA VAL A 347 31.83 -10.95 7.14
C VAL A 347 32.34 -11.17 5.72
N GLU A 348 32.17 -10.16 4.86
CA GLU A 348 32.58 -10.27 3.46
C GLU A 348 34.09 -10.35 3.28
N SER A 349 34.82 -10.14 4.38
CA SER A 349 36.25 -10.40 4.45
C SER A 349 36.49 -11.83 4.93
N ARG A 350 35.64 -12.29 5.84
CA ARG A 350 35.72 -13.64 6.39
C ARG A 350 35.37 -14.68 5.32
N ALA A 351 34.25 -14.46 4.65
CA ALA A 351 33.71 -15.40 3.66
C ALA A 351 34.68 -15.73 2.52
N THR A 352 35.42 -14.72 2.04
CA THR A 352 36.41 -14.91 0.98
C THR A 352 37.58 -15.72 1.51
N SER A 353 37.96 -15.46 2.77
CA SER A 353 39.04 -16.19 3.40
C SER A 353 38.72 -17.67 3.41
N HIS A 354 37.48 -17.96 3.83
CA HIS A 354 36.93 -19.31 3.96
C HIS A 354 35.93 -19.58 2.83
N ALA A 355 36.29 -19.17 1.62
CA ALA A 355 35.43 -19.31 0.44
C ALA A 355 35.28 -20.76 -0.02
N LYS A 356 36.27 -21.59 0.31
CA LYS A 356 36.27 -23.01 -0.04
C LYS A 356 35.18 -23.77 0.73
N ASP A 357 35.14 -23.56 2.04
CA ASP A 357 34.17 -24.24 2.93
C ASP A 357 32.75 -23.66 2.84
N VAL A 358 32.51 -22.77 1.88
CA VAL A 358 31.21 -22.10 1.75
C VAL A 358 30.41 -22.55 0.53
N LEU A 359 31.05 -22.60 -0.63
CA LEU A 359 30.39 -23.11 -1.83
C LEU A 359 29.96 -24.55 -1.65
N VAL A 360 30.66 -25.26 -0.75
CA VAL A 360 30.49 -26.70 -0.53
C VAL A 360 29.55 -27.00 0.63
N ASN A 361 29.59 -26.16 1.67
CA ASN A 361 28.82 -26.39 2.89
C ASN A 361 27.57 -25.52 3.06
N LEU A 362 27.38 -24.53 2.19
CA LEU A 362 26.20 -23.66 2.31
C LEU A 362 24.99 -24.20 1.54
N GLN A 363 24.24 -25.05 2.23
CA GLN A 363 23.03 -25.66 1.70
C GLN A 363 21.82 -25.30 2.53
N PHE A 364 20.74 -25.01 1.84
CA PHE A 364 19.48 -24.74 2.50
C PHE A 364 18.47 -25.85 2.29
N PHE A 365 17.92 -26.31 3.39
CA PHE A 365 16.79 -27.22 3.34
C PHE A 365 15.46 -26.47 3.35
N HIS A 366 14.57 -26.87 2.46
CA HIS A 366 13.25 -26.25 2.34
C HIS A 366 12.14 -27.14 2.87
N ILE A 367 11.04 -26.54 3.32
CA ILE A 367 9.91 -27.32 3.78
C ILE A 367 8.73 -26.73 3.07
N VAL A 368 8.01 -27.58 2.35
CA VAL A 368 6.81 -27.07 1.70
C VAL A 368 5.55 -27.76 2.16
N ALA A 369 4.49 -26.99 2.35
CA ALA A 369 3.27 -27.57 2.82
C ALA A 369 2.15 -27.22 1.85
N SER A 370 1.46 -28.25 1.37
CA SER A 370 0.32 -28.04 0.50
C SER A 370 -0.95 -28.40 1.24
N LEU A 371 -1.62 -27.37 1.74
CA LEU A 371 -2.77 -27.55 2.67
C LEU A 371 -4.08 -27.24 1.99
N SER A 372 -5.13 -27.96 2.39
CA SER A 372 -6.45 -27.65 1.89
C SER A 372 -7.36 -27.59 3.09
N PHE A 373 -8.41 -26.79 2.99
CA PHE A 373 -9.30 -26.59 4.11
C PHE A 373 -10.48 -27.55 4.12
N THR A 374 -10.60 -28.27 5.25
CA THR A 374 -11.61 -29.33 5.47
C THR A 374 -10.96 -30.73 5.42
N ALA B 26 -12.20 26.31 11.73
CA ALA B 26 -12.38 24.82 11.77
C ALA B 26 -13.79 24.39 12.20
N MET B 27 -14.61 25.35 12.64
CA MET B 27 -16.00 25.07 13.04
C MET B 27 -16.96 25.01 11.84
N HIS B 28 -16.62 24.18 10.86
CA HIS B 28 -17.47 23.85 9.72
C HIS B 28 -17.32 22.39 9.35
N ALA B 29 -16.33 21.75 9.98
CA ALA B 29 -16.14 20.31 9.87
C ALA B 29 -17.21 19.55 10.64
N ARG B 30 -17.69 20.14 11.74
CA ARG B 30 -18.81 19.60 12.54
C ARG B 30 -20.11 19.62 11.73
N SER B 31 -20.21 20.60 10.83
CA SER B 31 -21.35 20.75 9.95
C SER B 31 -21.21 19.83 8.73
N MET B 32 -19.97 19.60 8.30
CA MET B 32 -19.69 18.73 7.15
C MET B 32 -19.76 17.25 7.49
N LEU B 33 -19.40 16.92 8.73
CA LEU B 33 -19.58 15.57 9.21
C LEU B 33 -21.05 15.19 9.22
N HIS B 34 -21.93 16.19 9.13
CA HIS B 34 -23.37 15.94 9.12
C HIS B 34 -23.83 15.40 7.77
N LEU B 35 -23.30 15.99 6.71
CA LEU B 35 -23.62 15.59 5.37
C LEU B 35 -23.19 14.15 5.12
N LEU B 36 -22.05 13.79 5.73
CA LEU B 36 -21.54 12.43 5.69
C LEU B 36 -22.44 11.46 6.48
N GLU B 37 -22.87 11.89 7.66
CA GLU B 37 -23.79 11.09 8.49
C GLU B 37 -25.05 10.75 7.71
N GLU B 38 -25.56 11.74 6.99
CA GLU B 38 -26.78 11.60 6.22
C GLU B 38 -26.64 10.59 5.10
N THR B 39 -25.53 10.67 4.36
CA THR B 39 -25.28 9.70 3.30
C THR B 39 -25.16 8.31 3.89
N LEU B 40 -24.47 8.21 5.04
CA LEU B 40 -24.27 6.92 5.70
C LEU B 40 -25.60 6.23 6.06
N GLU B 41 -26.61 7.04 6.37
CA GLU B 41 -27.96 6.56 6.66
C GLU B 41 -28.65 5.95 5.44
N ASN B 42 -28.30 6.42 4.25
CA ASN B 42 -28.91 5.91 3.01
C ASN B 42 -28.49 4.52 2.57
N VAL B 43 -27.53 3.93 3.27
CA VAL B 43 -26.99 2.61 2.89
C VAL B 43 -27.84 1.46 3.42
N HIS B 44 -28.22 0.56 2.54
CA HIS B 44 -28.96 -0.64 2.89
C HIS B 44 -28.12 -1.64 3.68
N LEU B 45 -28.33 -1.68 4.99
CA LEU B 45 -27.62 -2.60 5.85
C LEU B 45 -28.21 -4.02 5.77
N ASN B 46 -27.34 -5.02 5.74
CA ASN B 46 -27.77 -6.40 5.70
C ASN B 46 -28.59 -6.68 6.96
N SER B 47 -29.78 -7.26 6.75
CA SER B 47 -30.75 -7.54 7.80
C SER B 47 -30.33 -8.72 8.68
N SER B 48 -29.80 -9.78 8.04
CA SER B 48 -29.42 -11.04 8.70
C SER B 48 -28.67 -10.87 10.02
N ALA B 49 -28.84 -11.85 10.91
CA ALA B 49 -28.12 -11.92 12.18
C ALA B 49 -26.59 -11.88 12.01
N SER B 50 -26.10 -12.40 10.87
CA SER B 50 -24.65 -12.47 10.57
C SER B 50 -24.30 -11.79 9.23
N PRO B 51 -24.38 -10.45 9.19
CA PRO B 51 -24.19 -9.76 7.90
C PRO B 51 -22.75 -9.91 7.40
N PRO B 52 -22.57 -10.09 6.07
CA PRO B 52 -21.24 -10.29 5.48
C PRO B 52 -20.36 -9.04 5.67
N PRO B 53 -19.05 -9.16 5.43
CA PRO B 53 -18.15 -8.03 5.63
C PRO B 53 -18.60 -6.76 4.93
N PHE B 54 -18.34 -5.62 5.56
CA PHE B 54 -18.65 -4.30 5.04
C PHE B 54 -17.39 -3.68 4.44
N THR B 55 -17.52 -3.13 3.23
CA THR B 55 -16.42 -2.50 2.54
C THR B 55 -16.58 -1.00 2.32
N ALA B 56 -15.65 -0.23 2.85
CA ALA B 56 -15.64 1.24 2.71
C ALA B 56 -14.34 1.68 2.04
N VAL B 57 -14.43 2.61 1.09
CA VAL B 57 -13.26 3.08 0.33
C VAL B 57 -13.05 4.62 0.39
N ASP B 58 -11.85 5.06 0.75
CA ASP B 58 -11.58 6.49 0.66
C ASP B 58 -10.79 6.77 -0.60
N LEU B 59 -11.44 7.40 -1.57
CA LEU B 59 -10.86 7.65 -2.89
C LEU B 59 -10.09 8.95 -2.87
N GLY B 60 -8.84 8.88 -3.30
CA GLY B 60 -8.02 10.06 -3.30
C GLY B 60 -7.54 10.32 -1.90
N CYS B 61 -7.16 9.25 -1.20
CA CYS B 61 -6.65 9.39 0.15
C CYS B 61 -5.27 10.01 0.04
N SER B 62 -4.59 10.24 1.13
CA SER B 62 -3.26 10.83 0.92
C SER B 62 -2.41 10.04 1.85
N SER B 63 -1.62 10.73 2.66
CA SER B 63 -0.80 10.06 3.67
C SER B 63 -1.05 10.68 5.05
N GLY B 64 -1.94 11.66 5.10
CA GLY B 64 -2.14 12.41 6.32
C GLY B 64 -3.07 11.64 7.21
N ALA B 65 -3.46 12.28 8.30
CA ALA B 65 -4.43 11.74 9.24
C ALA B 65 -5.90 11.94 8.82
N ASN B 66 -6.16 12.92 7.94
CA ASN B 66 -7.54 13.16 7.46
C ASN B 66 -8.17 11.86 6.99
N THR B 67 -7.42 11.09 6.21
CA THR B 67 -7.95 9.82 5.64
C THR B 67 -8.36 8.80 6.70
N VAL B 68 -7.52 8.66 7.72
CA VAL B 68 -7.73 7.66 8.71
C VAL B 68 -8.83 8.04 9.67
N HIS B 69 -9.11 9.32 9.81
CA HIS B 69 -10.21 9.76 10.66
C HIS B 69 -11.59 9.58 10.07
N ILE B 70 -11.78 9.92 8.79
CA ILE B 70 -13.07 9.67 8.13
C ILE B 70 -13.41 8.18 7.99
N ILE B 71 -12.40 7.35 7.71
CA ILE B 71 -12.61 5.92 7.69
C ILE B 71 -13.10 5.54 9.08
N ASP B 72 -12.42 6.05 10.10
CA ASP B 72 -12.75 5.75 11.48
C ASP B 72 -14.20 6.11 11.74
N PHE B 73 -14.56 7.29 11.23
CA PHE B 73 -15.90 7.83 11.39
C PHE B 73 -16.90 6.94 10.68
N ILE B 74 -16.57 6.53 9.47
CA ILE B 74 -17.48 5.75 8.67
C ILE B 74 -17.81 4.45 9.39
N VAL B 75 -16.80 3.63 9.71
CA VAL B 75 -17.05 2.35 10.35
C VAL B 75 -17.70 2.53 11.72
N LYS B 76 -17.47 3.67 12.37
CA LYS B 76 -18.06 3.96 13.69
C LYS B 76 -19.57 4.20 13.63
N HIS B 77 -20.01 4.89 12.57
CA HIS B 77 -21.42 5.15 12.32
C HIS B 77 -22.20 3.89 11.89
N ILE B 78 -21.64 3.17 10.92
CA ILE B 78 -22.21 1.92 10.47
C ILE B 78 -22.35 0.95 11.63
N SER B 79 -21.33 0.83 12.47
CA SER B 79 -21.41 -0.04 13.64
C SER B 79 -22.59 0.41 14.53
N LYS B 80 -22.63 1.70 14.87
CA LYS B 80 -23.72 2.22 15.69
C LYS B 80 -25.12 1.93 15.14
N ARG B 81 -25.26 1.93 13.82
CA ARG B 81 -26.52 1.55 13.18
C ARG B 81 -26.82 0.08 13.44
N PHE B 82 -25.81 -0.76 13.28
CA PHE B 82 -26.01 -2.17 13.53
C PHE B 82 -26.49 -2.40 14.97
N ASP B 83 -25.81 -1.76 15.93
CA ASP B 83 -26.19 -1.87 17.34
C ASP B 83 -27.62 -1.42 17.57
N ALA B 84 -28.06 -0.38 16.84
CA ALA B 84 -29.43 0.14 16.93
C ALA B 84 -30.50 -0.86 16.50
N ALA B 85 -30.11 -1.90 15.77
CA ALA B 85 -31.01 -2.97 15.40
C ALA B 85 -30.66 -4.25 16.18
N GLY B 86 -29.76 -4.11 17.16
CA GLY B 86 -29.35 -5.23 18.03
C GLY B 86 -28.52 -6.31 17.35
N ILE B 87 -27.72 -5.90 16.37
CA ILE B 87 -26.85 -6.84 15.62
C ILE B 87 -25.38 -6.53 15.92
N ASP B 88 -24.58 -7.59 15.97
CA ASP B 88 -23.13 -7.46 16.03
C ASP B 88 -22.74 -6.83 14.71
N PRO B 89 -21.92 -5.78 14.78
CA PRO B 89 -21.41 -5.23 13.54
C PRO B 89 -20.64 -6.31 12.78
N PRO B 90 -20.70 -6.26 11.42
CA PRO B 90 -19.97 -7.19 10.58
C PRO B 90 -18.49 -6.86 10.60
N GLU B 91 -17.65 -7.69 9.99
CA GLU B 91 -16.23 -7.31 9.86
C GLU B 91 -16.13 -6.17 8.85
N PHE B 92 -15.13 -5.30 9.03
CA PHE B 92 -14.94 -4.14 8.18
C PHE B 92 -13.60 -4.19 7.48
N THR B 93 -13.57 -3.80 6.20
CA THR B 93 -12.34 -3.52 5.50
C THR B 93 -12.41 -2.09 5.02
N ALA B 94 -11.28 -1.39 5.13
CA ALA B 94 -11.11 -0.06 4.60
C ALA B 94 -10.08 -0.09 3.49
N PHE B 95 -10.45 0.48 2.35
CA PHE B 95 -9.51 0.66 1.25
C PHE B 95 -9.09 2.12 1.09
N PHE B 96 -7.79 2.32 0.98
CA PHE B 96 -7.22 3.63 0.82
C PHE B 96 -6.71 3.72 -0.58
N SER B 97 -7.39 4.49 -1.41
CA SER B 97 -7.01 4.55 -2.81
C SER B 97 -6.41 5.89 -3.19
N ASP B 98 -5.39 5.82 -4.01
CA ASP B 98 -4.70 6.94 -4.59
C ASP B 98 -3.80 6.42 -5.71
N LEU B 99 -3.18 7.37 -6.40
CA LEU B 99 -2.19 7.13 -7.41
C LEU B 99 -0.98 6.41 -6.82
N PRO B 100 -0.33 5.54 -7.61
CA PRO B 100 0.93 4.88 -7.24
C PRO B 100 2.04 5.83 -6.74
N SER B 101 1.91 7.15 -7.00
CA SER B 101 2.89 8.09 -6.45
C SER B 101 2.55 8.50 -5.00
N ASN B 102 1.41 8.07 -4.50
CA ASN B 102 1.03 8.49 -3.17
C ASN B 102 1.99 7.88 -2.14
N ASP B 103 2.20 8.55 -1.02
CA ASP B 103 3.16 8.03 -0.08
C ASP B 103 2.57 6.98 0.86
N PHE B 104 2.24 5.83 0.30
CA PHE B 104 1.58 4.79 1.08
C PHE B 104 2.43 4.32 2.25
N ASN B 105 3.74 4.30 2.05
CA ASN B 105 4.63 4.02 3.16
C ASN B 105 4.23 4.86 4.37
N THR B 106 4.06 6.18 4.16
CA THR B 106 3.78 7.05 5.27
C THR B 106 2.43 6.72 5.85
N LEU B 107 1.44 6.59 4.96
CA LEU B 107 0.06 6.27 5.32
C LEU B 107 -0.02 5.01 6.18
N PHE B 108 0.72 3.97 5.80
CA PHE B 108 0.68 2.70 6.51
C PHE B 108 1.34 2.76 7.89
N GLN B 109 2.28 3.68 8.11
CA GLN B 109 2.85 3.86 9.45
C GLN B 109 1.86 4.48 10.44
N LEU B 110 0.98 5.36 9.94
CA LEU B 110 -0.01 6.05 10.78
C LEU B 110 -1.12 5.10 11.22
N LEU B 111 -1.44 4.13 10.37
CA LEU B 111 -2.56 3.27 10.67
C LEU B 111 -2.40 2.64 12.04
N PRO B 112 -3.39 2.84 12.92
CA PRO B 112 -3.39 2.26 14.27
C PRO B 112 -3.45 0.73 14.24
N PRO B 113 -2.89 0.07 15.28
CA PRO B 113 -2.84 -1.39 15.28
C PRO B 113 -4.23 -2.00 15.45
N LEU B 114 -4.33 -3.27 15.10
CA LEU B 114 -5.59 -4.02 15.15
C LEU B 114 -5.92 -4.49 16.58
N VAL B 115 -7.23 -4.40 16.92
CA VAL B 115 -7.77 -4.73 18.26
C VAL B 115 -7.38 -6.14 18.69
N SER B 116 -7.03 -6.31 19.97
CA SER B 116 -6.60 -7.61 20.50
C SER B 116 -7.80 -8.46 20.98
N ASN B 117 -7.58 -9.25 22.03
CA ASN B 117 -8.59 -10.19 22.50
C ASN B 117 -9.85 -9.48 22.99
N ASP B 127 -10.82 7.46 20.47
CA ASP B 127 -9.94 7.29 19.31
C ASP B 127 -8.90 6.18 19.58
N GLY B 128 -7.63 6.50 19.27
CA GLY B 128 -6.48 5.64 19.50
C GLY B 128 -6.42 4.41 18.59
N ASN B 129 -7.17 3.40 18.99
CA ASN B 129 -7.25 2.06 18.44
C ASN B 129 -8.08 1.90 17.14
N ARG B 130 -7.75 0.86 16.37
CA ARG B 130 -8.39 0.52 15.10
C ARG B 130 -9.14 -0.81 15.21
N SER B 131 -10.29 -0.92 14.56
CA SER B 131 -11.07 -2.15 14.63
C SER B 131 -11.64 -2.56 13.27
N TYR B 132 -10.80 -2.51 12.25
CA TYR B 132 -11.16 -2.88 10.90
C TYR B 132 -9.88 -3.22 10.16
N PHE B 133 -9.99 -4.12 9.16
CA PHE B 133 -8.87 -4.44 8.29
C PHE B 133 -8.59 -3.31 7.30
N VAL B 134 -7.33 -3.21 6.87
CA VAL B 134 -6.89 -2.14 5.97
C VAL B 134 -6.21 -2.68 4.72
N ALA B 135 -6.18 -1.86 3.68
CA ALA B 135 -5.49 -2.18 2.42
C ALA B 135 -5.40 -0.89 1.66
N GLY B 136 -4.27 -0.71 0.96
CA GLY B 136 -4.01 0.47 0.18
C GLY B 136 -4.04 0.05 -1.26
N VAL B 137 -4.61 0.90 -2.11
CA VAL B 137 -4.90 0.52 -3.47
C VAL B 137 -4.31 1.51 -4.42
N PRO B 138 -3.34 1.07 -5.21
CA PRO B 138 -2.68 1.90 -6.23
C PRO B 138 -3.37 1.86 -7.58
N GLY B 139 -3.66 3.06 -8.09
CA GLY B 139 -4.18 3.28 -9.42
C GLY B 139 -5.04 4.53 -9.44
N SER B 140 -5.24 5.04 -10.66
CA SER B 140 -6.19 6.13 -10.90
C SER B 140 -7.65 5.68 -10.71
N PHE B 141 -8.44 6.46 -9.97
CA PHE B 141 -9.85 6.17 -9.80
C PHE B 141 -10.67 6.61 -11.00
N TYR B 142 -10.02 7.14 -12.03
CA TYR B 142 -10.73 7.48 -13.26
C TYR B 142 -10.92 6.25 -14.13
N ARG B 143 -10.76 5.09 -13.50
CA ARG B 143 -11.04 3.78 -14.08
C ARG B 143 -11.14 2.72 -12.97
N ARG B 144 -11.48 1.48 -13.34
CA ARG B 144 -11.80 0.44 -12.37
C ARG B 144 -10.68 0.16 -11.41
N LEU B 145 -11.05 -0.09 -10.16
CA LEU B 145 -10.10 -0.32 -9.09
C LEU B 145 -10.43 -1.58 -8.29
N PHE B 146 -11.68 -2.06 -8.41
CA PHE B 146 -12.18 -3.21 -7.61
C PHE B 146 -13.10 -4.11 -8.41
N PRO B 147 -13.30 -5.36 -7.93
CA PRO B 147 -14.20 -6.28 -8.59
C PRO B 147 -15.60 -5.79 -8.49
N ALA B 148 -16.43 -6.12 -9.47
CA ALA B 148 -17.82 -5.68 -9.54
C ALA B 148 -18.58 -5.91 -8.22
N ARG B 149 -19.49 -4.97 -7.89
CA ARG B 149 -20.47 -5.17 -6.79
C ARG B 149 -19.77 -5.64 -5.52
N THR B 150 -18.65 -5.01 -5.12
CA THR B 150 -18.03 -5.46 -3.88
C THR B 150 -17.88 -4.41 -2.80
N ILE B 151 -18.30 -3.16 -3.09
CA ILE B 151 -18.02 -2.01 -2.23
C ILE B 151 -19.36 -1.45 -1.74
N ASP B 152 -19.43 -1.17 -0.44
CA ASP B 152 -20.67 -0.72 0.18
C ASP B 152 -20.73 0.77 0.15
N PHE B 153 -19.61 1.40 0.50
CA PHE B 153 -19.56 2.84 0.60
C PHE B 153 -18.28 3.37 -0.02
N PHE B 154 -18.45 4.24 -1.02
CA PHE B 154 -17.32 5.02 -1.58
C PHE B 154 -17.33 6.41 -1.02
N HIS B 155 -16.18 6.87 -0.55
CA HIS B 155 -15.98 8.24 -0.09
C HIS B 155 -14.88 8.86 -0.92
N SER B 156 -15.03 10.15 -1.25
CA SER B 156 -14.00 10.97 -1.90
C SER B 156 -14.07 12.39 -1.38
N ALA B 157 -12.92 13.01 -1.13
CA ALA B 157 -12.87 14.40 -0.65
C ALA B 157 -11.72 15.14 -1.30
N PHE B 158 -12.05 16.29 -1.88
CA PHE B 158 -11.07 17.18 -2.50
C PHE B 158 -10.07 16.44 -3.35
N SER B 159 -10.57 15.74 -4.35
CA SER B 159 -9.75 14.99 -5.29
C SER B 159 -10.37 15.04 -6.67
N LEU B 160 -11.69 15.08 -6.74
CA LEU B 160 -12.38 15.06 -8.05
C LEU B 160 -12.09 16.27 -8.95
N HIS B 161 -11.46 17.31 -8.39
CA HIS B 161 -11.20 18.55 -9.13
C HIS B 161 -9.87 18.52 -9.87
N TRP B 162 -9.14 17.41 -9.69
CA TRP B 162 -7.84 17.14 -10.37
C TRP B 162 -8.01 16.42 -11.68
N LEU B 163 -7.77 17.13 -12.77
CA LEU B 163 -7.88 16.50 -14.08
C LEU B 163 -6.97 15.29 -14.19
N SER B 164 -7.43 14.29 -14.95
CA SER B 164 -6.67 13.05 -15.16
C SER B 164 -5.42 13.37 -15.99
N GLN B 165 -5.45 14.54 -16.62
CA GLN B 165 -4.35 15.03 -17.46
C GLN B 165 -4.74 16.42 -17.91
N VAL B 166 -3.72 17.20 -18.31
CA VAL B 166 -3.96 18.45 -18.99
C VAL B 166 -4.65 18.09 -20.32
N PRO B 167 -5.67 18.85 -20.73
CA PRO B 167 -6.33 18.44 -21.97
C PRO B 167 -5.35 18.58 -23.14
N GLU B 168 -5.26 17.54 -23.96
CA GLU B 168 -4.30 17.44 -25.07
C GLU B 168 -4.28 18.71 -25.92
N SER B 169 -5.47 19.23 -26.13
CA SER B 169 -5.74 20.38 -26.96
C SER B 169 -5.06 21.66 -26.41
N VAL B 170 -5.01 21.83 -25.08
CA VAL B 170 -4.34 23.02 -24.51
C VAL B 170 -2.81 22.87 -24.43
N THR B 171 -2.32 21.67 -24.76
CA THR B 171 -0.88 21.40 -24.84
C THR B 171 -0.41 21.32 -26.30
N ASP B 172 -1.31 21.61 -27.22
CA ASP B 172 -1.01 21.66 -28.64
C ASP B 172 -0.82 23.13 -29.06
N ARG B 173 0.44 23.51 -29.34
CA ARG B 173 0.81 24.89 -29.69
C ARG B 173 -0.04 25.51 -30.81
N ARG B 174 -0.57 24.65 -31.67
CA ARG B 174 -1.29 25.09 -32.86
C ARG B 174 -2.80 25.20 -32.65
N SER B 175 -3.30 24.61 -31.57
CA SER B 175 -4.72 24.70 -31.21
C SER B 175 -5.06 26.07 -30.61
N ALA B 176 -6.32 26.47 -30.72
CA ALA B 176 -6.81 27.73 -30.16
C ALA B 176 -6.97 27.65 -28.64
N ALA B 177 -6.95 26.44 -28.11
CA ALA B 177 -7.11 26.23 -26.68
C ALA B 177 -5.77 26.36 -25.93
N TYR B 178 -4.67 26.46 -26.70
CA TYR B 178 -3.35 26.66 -26.13
C TYR B 178 -3.38 27.90 -25.24
N ASN B 179 -3.09 27.70 -23.96
CA ASN B 179 -3.18 28.77 -22.97
C ASN B 179 -1.89 29.58 -22.93
N ARG B 180 -1.80 30.55 -23.83
CA ARG B 180 -0.59 31.35 -23.98
C ARG B 180 -0.56 32.43 -22.92
N GLY B 181 0.51 32.44 -22.12
CA GLY B 181 0.73 33.46 -21.09
C GLY B 181 -0.14 33.45 -19.84
N ARG B 182 -0.60 32.28 -19.40
CA ARG B 182 -1.45 32.22 -18.19
C ARG B 182 -1.13 31.21 -17.07
N VAL B 183 -0.68 30.01 -17.40
CA VAL B 183 -0.43 28.96 -16.37
C VAL B 183 -1.71 28.37 -15.72
N PHE B 184 -2.88 28.94 -16.03
CA PHE B 184 -4.19 28.46 -15.53
C PHE B 184 -5.37 29.08 -16.31
N ILE B 185 -6.56 28.49 -16.19
CA ILE B 185 -7.73 28.93 -16.98
C ILE B 185 -8.62 30.03 -16.37
N HIS B 186 -8.33 30.42 -15.13
CA HIS B 186 -9.01 31.56 -14.52
C HIS B 186 -8.94 32.75 -15.45
N GLY B 187 -7.75 33.25 -15.70
CA GLY B 187 -7.57 34.33 -16.65
C GLY B 187 -8.68 34.42 -17.70
N ALA B 188 -8.53 33.68 -18.81
CA ALA B 188 -9.40 33.83 -19.97
C ALA B 188 -9.27 32.72 -21.00
N GLY B 189 -10.19 32.71 -21.98
CA GLY B 189 -10.08 31.90 -23.19
C GLY B 189 -11.13 30.82 -23.33
N GLU B 190 -12.25 31.14 -23.97
CA GLU B 190 -13.37 30.20 -24.13
C GLU B 190 -12.98 28.85 -24.74
N LYS B 191 -12.07 28.84 -25.71
CA LYS B 191 -11.64 27.57 -26.28
C LYS B 191 -10.78 26.79 -25.29
N THR B 192 -10.09 27.53 -24.43
CA THR B 192 -9.28 26.95 -23.36
C THR B 192 -10.14 26.48 -22.17
N THR B 193 -11.11 27.30 -21.79
CA THR B 193 -11.96 26.98 -20.66
C THR B 193 -12.87 25.80 -20.96
N THR B 194 -13.42 25.77 -22.18
CA THR B 194 -14.29 24.65 -22.56
C THR B 194 -13.52 23.36 -22.80
N ALA B 195 -12.21 23.47 -23.04
CA ALA B 195 -11.37 22.28 -23.13
C ALA B 195 -11.27 21.58 -21.76
N TYR B 196 -11.05 22.37 -20.71
CA TYR B 196 -10.99 21.89 -19.34
C TYR B 196 -12.27 21.20 -18.89
N LYS B 197 -13.39 21.92 -19.00
CA LYS B 197 -14.72 21.41 -18.65
C LYS B 197 -15.01 20.05 -19.27
N ARG B 198 -14.72 19.91 -20.57
CA ARG B 198 -14.88 18.64 -21.27
C ARG B 198 -14.02 17.56 -20.62
N GLN B 199 -12.78 17.94 -20.31
CA GLN B 199 -11.83 17.07 -19.66
C GLN B 199 -12.35 16.65 -18.28
N PHE B 200 -12.88 17.63 -17.54
CA PHE B 200 -13.53 17.31 -16.27
C PHE B 200 -14.66 16.32 -16.48
N GLN B 201 -15.66 16.71 -17.27
CA GLN B 201 -16.82 15.83 -17.52
C GLN B 201 -16.45 14.44 -18.04
N ALA B 202 -15.38 14.33 -18.82
CA ALA B 202 -14.99 13.02 -19.32
C ALA B 202 -14.39 12.17 -18.19
N ASP B 203 -13.60 12.81 -17.34
CA ASP B 203 -12.97 12.18 -16.21
C ASP B 203 -14.02 11.72 -15.21
N LEU B 204 -14.89 12.65 -14.82
CA LEU B 204 -15.98 12.37 -13.89
C LEU B 204 -16.92 11.30 -14.41
N ALA B 205 -16.98 11.16 -15.74
CA ALA B 205 -17.86 10.19 -16.37
C ALA B 205 -17.31 8.81 -16.20
N GLU B 206 -16.04 8.72 -16.51
CA GLU B 206 -15.29 7.49 -16.43
C GLU B 206 -15.30 7.02 -14.99
N PHE B 207 -15.07 7.95 -14.06
CA PHE B 207 -15.11 7.69 -12.64
C PHE B 207 -16.43 7.13 -12.22
N LEU B 208 -17.52 7.75 -12.67
CA LEU B 208 -18.86 7.33 -12.21
C LEU B 208 -19.13 5.94 -12.72
N ARG B 209 -18.82 5.71 -13.99
CA ARG B 209 -18.96 4.38 -14.62
C ARG B 209 -18.22 3.27 -13.87
N ALA B 210 -17.00 3.56 -13.46
CA ALA B 210 -16.23 2.66 -12.62
C ALA B 210 -16.95 2.44 -11.31
N ARG B 211 -17.32 3.52 -10.62
CA ARG B 211 -17.96 3.38 -9.32
C ARG B 211 -19.26 2.59 -9.36
N ALA B 212 -20.11 2.87 -10.35
CA ALA B 212 -21.37 2.15 -10.53
C ALA B 212 -21.16 0.64 -10.66
N ALA B 213 -20.12 0.22 -11.37
CA ALA B 213 -19.89 -1.21 -11.55
C ALA B 213 -19.34 -1.84 -10.27
N GLU B 214 -18.84 -1.02 -9.34
CA GLU B 214 -18.26 -1.54 -8.10
C GLU B 214 -19.14 -1.46 -6.82
N VAL B 215 -20.12 -0.55 -6.76
CA VAL B 215 -21.00 -0.51 -5.57
C VAL B 215 -21.89 -1.72 -5.43
N LYS B 216 -22.23 -2.07 -4.17
CA LYS B 216 -23.24 -3.09 -3.92
C LYS B 216 -24.64 -2.57 -4.30
N ARG B 217 -25.58 -3.48 -4.53
CA ARG B 217 -26.94 -3.06 -4.84
C ARG B 217 -27.40 -1.96 -3.86
N GLY B 218 -27.29 -2.15 -2.55
CA GLY B 218 -27.84 -1.10 -1.66
C GLY B 218 -26.85 -0.11 -1.09
N GLY B 219 -25.86 0.31 -1.89
CA GLY B 219 -24.75 1.13 -1.41
C GLY B 219 -24.85 2.61 -1.78
N ALA B 220 -23.95 3.43 -1.24
CA ALA B 220 -24.06 4.88 -1.47
C ALA B 220 -22.71 5.58 -1.68
N MET B 221 -22.70 6.78 -2.25
CA MET B 221 -21.45 7.52 -2.51
C MET B 221 -21.51 8.95 -2.01
N PHE B 222 -20.53 9.31 -1.19
CA PHE B 222 -20.34 10.68 -0.68
C PHE B 222 -19.23 11.36 -1.48
N LEU B 223 -19.59 12.39 -2.23
CA LEU B 223 -18.60 13.19 -2.93
C LEU B 223 -18.48 14.67 -2.45
N VAL B 224 -17.24 15.13 -2.28
CA VAL B 224 -16.98 16.54 -2.06
C VAL B 224 -15.69 16.95 -2.75
N CYS B 225 -15.81 17.83 -3.75
CA CYS B 225 -14.69 18.59 -4.29
C CYS B 225 -15.05 20.08 -4.34
N LEU B 226 -14.07 20.89 -4.69
CA LEU B 226 -14.30 22.30 -4.79
C LEU B 226 -14.93 22.72 -6.12
N GLY B 227 -15.73 23.77 -6.05
CA GLY B 227 -16.54 24.22 -7.16
C GLY B 227 -16.65 25.72 -7.14
N ARG B 228 -17.49 26.22 -8.04
CA ARG B 228 -17.64 27.64 -8.21
C ARG B 228 -19.12 27.90 -8.35
N THR B 229 -19.48 29.17 -8.35
CA THR B 229 -20.86 29.58 -8.58
C THR B 229 -20.99 30.30 -9.91
N SER B 230 -19.86 30.83 -10.36
CA SER B 230 -19.73 31.44 -11.67
C SER B 230 -20.37 30.56 -12.75
N VAL B 231 -21.08 31.18 -13.67
CA VAL B 231 -21.64 30.46 -14.81
C VAL B 231 -20.58 30.16 -15.85
N ASP B 232 -19.57 31.04 -15.90
CA ASP B 232 -18.52 31.01 -16.90
C ASP B 232 -17.24 30.34 -16.38
N PRO B 233 -16.86 29.22 -16.99
CA PRO B 233 -15.65 28.48 -16.61
C PRO B 233 -14.40 29.35 -16.43
N THR B 234 -14.42 30.55 -17.02
CA THR B 234 -13.31 31.48 -16.90
C THR B 234 -13.12 31.98 -15.46
N ASP B 235 -14.21 32.04 -14.68
CA ASP B 235 -14.09 32.49 -13.28
C ASP B 235 -14.13 31.28 -12.34
N GLN B 236 -12.93 30.84 -11.96
CA GLN B 236 -12.76 29.62 -11.19
C GLN B 236 -12.84 29.83 -9.69
N GLY B 237 -13.59 30.86 -9.29
CA GLY B 237 -13.82 31.14 -7.87
C GLY B 237 -12.57 30.95 -7.05
N GLY B 238 -12.65 30.09 -6.03
CA GLY B 238 -11.53 29.87 -5.09
C GLY B 238 -10.22 29.52 -5.75
N ALA B 239 -10.26 28.46 -6.57
CA ALA B 239 -9.10 27.98 -7.31
C ALA B 239 -8.58 29.02 -8.27
N GLY B 240 -9.48 29.88 -8.72
CA GLY B 240 -9.09 31.03 -9.53
C GLY B 240 -8.14 31.97 -8.80
N LEU B 241 -8.48 32.34 -7.57
CA LEU B 241 -7.64 33.20 -6.76
C LEU B 241 -6.43 32.47 -6.15
N LEU B 242 -6.44 31.15 -6.15
CA LEU B 242 -5.34 30.39 -5.57
C LEU B 242 -4.22 30.28 -6.61
N PHE B 243 -4.62 29.95 -7.84
CA PHE B 243 -3.67 29.70 -8.93
C PHE B 243 -3.53 30.85 -9.93
N GLY B 244 -4.48 31.78 -9.92
CA GLY B 244 -4.56 32.79 -10.98
C GLY B 244 -4.21 34.22 -10.61
N THR B 245 -3.65 34.42 -9.42
CA THR B 245 -3.26 35.76 -9.00
C THR B 245 -1.74 35.85 -8.81
N HIS B 246 -1.28 35.64 -7.58
CA HIS B 246 0.13 35.72 -7.28
C HIS B 246 0.92 34.56 -7.89
N PHE B 247 0.28 33.39 -8.04
CA PHE B 247 0.96 32.18 -8.55
C PHE B 247 1.44 32.33 -10.00
N GLN B 248 0.58 32.88 -10.86
CA GLN B 248 1.01 33.14 -12.24
C GLN B 248 1.77 34.46 -12.37
N ASP B 249 1.56 35.38 -11.42
CA ASP B 249 2.38 36.61 -11.34
C ASP B 249 3.87 36.35 -11.03
N ALA B 250 4.14 35.39 -10.14
CA ALA B 250 5.49 34.91 -9.87
C ALA B 250 6.06 34.22 -11.12
N TRP B 251 5.24 33.40 -11.78
CA TRP B 251 5.57 32.83 -13.09
C TRP B 251 5.84 33.92 -14.12
N ASP B 252 5.28 35.10 -13.87
CA ASP B 252 5.47 36.24 -14.76
C ASP B 252 6.72 37.05 -14.37
N ASP B 253 7.22 36.81 -13.16
CA ASP B 253 8.40 37.51 -12.65
C ASP B 253 9.66 36.67 -12.88
N LEU B 254 9.46 35.40 -13.21
CA LEU B 254 10.56 34.52 -13.62
C LEU B 254 10.74 34.49 -15.14
N VAL B 255 9.88 35.22 -15.86
CA VAL B 255 10.03 35.42 -17.30
C VAL B 255 10.36 36.89 -17.60
N ARG B 256 10.05 37.76 -16.64
CA ARG B 256 10.48 39.16 -16.68
C ARG B 256 11.91 39.21 -16.13
N GLU B 257 12.44 38.04 -15.85
CA GLU B 257 13.83 37.83 -15.49
C GLU B 257 14.50 37.09 -16.66
N GLY B 258 15.47 36.25 -16.29
CA GLY B 258 15.91 35.18 -17.15
C GLY B 258 15.45 33.92 -16.44
N LEU B 259 16.23 32.85 -16.57
CA LEU B 259 15.98 31.59 -15.87
C LEU B 259 14.75 30.83 -16.38
N VAL B 260 13.77 31.55 -16.95
CA VAL B 260 12.58 30.95 -17.57
C VAL B 260 12.19 31.66 -18.87
N ALA B 261 11.94 30.86 -19.91
CA ALA B 261 11.51 31.36 -21.23
C ALA B 261 10.01 31.69 -21.24
N ALA B 262 9.54 32.33 -22.31
CA ALA B 262 8.12 32.69 -22.47
C ALA B 262 7.25 31.50 -22.90
N GLU B 263 7.72 30.73 -23.89
CA GLU B 263 7.00 29.53 -24.37
C GLU B 263 7.09 28.39 -23.35
N LYS B 264 7.76 28.68 -22.24
CA LYS B 264 7.92 27.73 -21.14
C LYS B 264 6.76 27.83 -20.12
N ARG B 265 6.37 29.06 -19.76
CA ARG B 265 5.23 29.26 -18.87
C ARG B 265 3.93 28.94 -19.61
N ASP B 266 3.97 29.10 -20.94
CA ASP B 266 2.83 28.77 -21.81
C ASP B 266 2.64 27.26 -21.95
N GLY B 267 3.72 26.51 -21.76
CA GLY B 267 3.66 25.05 -21.79
C GLY B 267 3.29 24.44 -20.45
N PHE B 268 3.29 25.25 -19.38
CA PHE B 268 2.91 24.76 -18.06
C PHE B 268 1.44 25.05 -17.79
N ASN B 269 0.70 24.02 -17.43
CA ASN B 269 -0.75 24.16 -17.16
C ASN B 269 -1.26 23.37 -15.96
N ILE B 270 -1.65 24.08 -14.90
CA ILE B 270 -2.26 23.46 -13.73
C ILE B 270 -3.46 22.59 -14.16
N PRO B 271 -3.39 21.27 -13.93
CA PRO B 271 -4.45 20.38 -14.45
C PRO B 271 -5.67 20.30 -13.52
N VAL B 272 -6.29 21.45 -13.25
CA VAL B 272 -7.32 21.58 -12.22
C VAL B 272 -8.55 22.30 -12.79
N TYR B 273 -9.74 21.74 -12.53
CA TYR B 273 -11.01 22.34 -12.96
C TYR B 273 -12.02 22.30 -11.83
N ALA B 274 -12.52 23.48 -11.46
CA ALA B 274 -13.58 23.60 -10.49
C ALA B 274 -14.96 23.66 -11.18
N PRO B 275 -15.78 22.61 -11.01
CA PRO B 275 -17.06 22.65 -11.70
C PRO B 275 -18.09 23.52 -10.96
N SER B 276 -19.16 23.84 -11.68
CA SER B 276 -20.37 24.45 -11.16
C SER B 276 -21.41 23.33 -11.02
N LEU B 277 -22.53 23.58 -10.34
CA LEU B 277 -23.57 22.56 -10.15
C LEU B 277 -23.99 21.93 -11.47
N GLN B 278 -24.24 22.74 -12.50
CA GLN B 278 -24.49 22.25 -13.86
C GLN B 278 -23.54 21.14 -14.20
N ASP B 279 -22.27 21.54 -14.32
CA ASP B 279 -21.18 20.71 -14.79
C ASP B 279 -21.18 19.37 -14.10
N PHE B 280 -21.27 19.40 -12.77
CA PHE B 280 -21.37 18.20 -11.94
C PHE B 280 -22.66 17.40 -12.22
N LYS B 281 -23.78 17.88 -11.71
CA LYS B 281 -25.09 17.27 -11.97
C LYS B 281 -25.36 16.69 -13.37
N GLU B 282 -24.91 17.38 -14.43
CA GLU B 282 -25.06 16.89 -15.83
C GLU B 282 -24.54 15.47 -16.01
N VAL B 283 -23.32 15.25 -15.54
CA VAL B 283 -22.59 14.01 -15.72
C VAL B 283 -23.24 12.90 -14.91
N VAL B 284 -23.79 13.29 -13.75
CA VAL B 284 -24.57 12.35 -12.92
C VAL B 284 -25.75 11.76 -13.69
N ASP B 285 -26.71 12.60 -14.05
CA ASP B 285 -27.85 12.15 -14.86
C ASP B 285 -27.46 12.17 -16.35
N ALA B 286 -26.70 11.15 -16.71
CA ALA B 286 -26.10 11.00 -18.02
C ALA B 286 -25.42 9.67 -17.84
N ASN B 287 -24.94 9.48 -16.60
CA ASN B 287 -24.51 8.19 -16.11
C ASN B 287 -25.71 7.33 -15.68
N GLY B 288 -26.67 7.96 -15.00
CA GLY B 288 -27.95 7.33 -14.67
C GLY B 288 -27.93 6.10 -13.80
N SER B 289 -26.78 5.73 -13.25
CA SER B 289 -26.74 4.60 -12.33
C SER B 289 -27.06 5.02 -10.88
N PHE B 290 -26.52 6.16 -10.47
CA PHE B 290 -26.75 6.69 -9.12
C PHE B 290 -27.96 7.60 -9.04
N ALA B 291 -28.63 7.54 -7.89
CA ALA B 291 -29.69 8.45 -7.55
C ALA B 291 -29.04 9.61 -6.81
N ILE B 292 -29.58 10.80 -7.01
CA ILE B 292 -29.13 11.98 -6.28
C ILE B 292 -30.06 12.20 -5.10
N ASP B 293 -29.63 11.79 -3.92
CA ASP B 293 -30.42 12.02 -2.72
C ASP B 293 -30.21 13.46 -2.23
N LYS B 294 -29.06 14.03 -2.53
CA LYS B 294 -28.74 15.38 -2.09
C LYS B 294 -27.62 15.96 -2.91
N LEU B 295 -27.71 17.26 -3.14
CA LEU B 295 -26.68 17.98 -3.86
C LEU B 295 -26.62 19.36 -3.21
N VAL B 296 -25.40 19.84 -3.00
CA VAL B 296 -25.20 21.14 -2.31
C VAL B 296 -23.94 21.87 -2.74
N VAL B 297 -24.09 23.15 -3.08
CA VAL B 297 -22.97 24.08 -3.17
C VAL B 297 -23.04 25.08 -2.03
N TYR B 298 -21.92 25.28 -1.36
CA TYR B 298 -21.89 26.13 -0.20
C TYR B 298 -20.53 26.81 -0.06
N LYS B 299 -20.42 27.73 0.90
CA LYS B 299 -19.15 28.43 1.19
C LYS B 299 -18.44 27.78 2.37
N GLY B 300 -17.39 27.04 2.08
CA GLY B 300 -16.47 26.60 3.10
C GLY B 300 -15.16 27.29 2.89
N GLY B 301 -15.21 28.61 2.70
CA GLY B 301 -14.06 29.43 2.29
C GLY B 301 -12.88 29.50 3.26
N SER B 302 -11.78 30.11 2.80
CA SER B 302 -10.53 30.30 3.57
C SER B 302 -9.77 29.01 3.97
N PRO B 303 -8.89 28.52 3.08
CA PRO B 303 -8.05 27.34 3.30
C PRO B 303 -6.66 27.68 3.87
N LEU B 304 -6.57 28.74 4.67
CA LEU B 304 -5.30 29.13 5.27
C LEU B 304 -5.36 29.13 6.79
N VAL B 305 -4.51 28.30 7.40
CA VAL B 305 -4.33 28.31 8.85
C VAL B 305 -3.47 29.53 9.21
N VAL B 306 -4.11 30.58 9.73
CA VAL B 306 -3.42 31.80 10.13
C VAL B 306 -3.68 32.11 11.61
N ASN B 307 -2.62 31.99 12.40
CA ASN B 307 -2.70 32.14 13.85
C ASN B 307 -2.61 33.60 14.32
N GLU B 308 -2.00 34.45 13.50
CA GLU B 308 -2.04 35.89 13.75
C GLU B 308 -2.63 36.58 12.52
N PRO B 309 -3.97 36.80 12.53
CA PRO B 309 -4.70 37.39 11.40
C PRO B 309 -4.08 38.69 10.87
N ASP B 310 -3.87 39.67 11.73
CA ASP B 310 -3.41 41.01 11.31
C ASP B 310 -1.95 41.01 10.80
N ASP B 311 -1.28 39.88 10.95
CA ASP B 311 0.11 39.71 10.54
C ASP B 311 0.23 39.55 9.02
N ALA B 312 0.77 40.57 8.35
CA ALA B 312 0.90 40.59 6.89
C ALA B 312 1.79 39.48 6.32
N SER B 313 2.82 39.08 7.07
CA SER B 313 3.76 38.06 6.61
C SER B 313 3.24 36.62 6.71
N GLU B 314 2.45 36.33 7.73
CA GLU B 314 1.84 35.01 7.91
C GLU B 314 0.87 34.72 6.77
N VAL B 315 0.27 35.79 6.24
CA VAL B 315 -0.65 35.70 5.10
C VAL B 315 0.10 35.18 3.89
N GLY B 316 1.34 35.65 3.74
CA GLY B 316 2.21 35.22 2.65
C GLY B 316 2.51 33.73 2.63
N ARG B 317 3.20 33.26 3.67
CA ARG B 317 3.69 31.88 3.73
C ARG B 317 2.56 30.86 3.77
N ALA B 318 1.46 31.21 4.43
CA ALA B 318 0.25 30.38 4.42
C ALA B 318 -0.21 30.17 2.98
N PHE B 319 -0.50 31.28 2.29
CA PHE B 319 -0.87 31.30 0.86
C PHE B 319 0.09 30.45 0.03
N ALA B 320 1.38 30.74 0.18
CA ALA B 320 2.44 30.05 -0.54
C ALA B 320 2.48 28.56 -0.25
N SER B 321 2.30 28.20 1.02
CA SER B 321 2.38 26.80 1.44
C SER B 321 1.26 25.96 0.86
N SER B 322 0.12 26.59 0.61
CA SER B 322 -0.99 25.93 -0.05
C SER B 322 -0.57 25.54 -1.45
N CYS B 323 -0.22 26.54 -2.26
CA CYS B 323 0.28 26.35 -3.63
C CYS B 323 1.31 25.23 -3.73
N ARG B 324 2.21 25.15 -2.75
CA ARG B 324 3.28 24.15 -2.70
C ARG B 324 2.74 22.73 -2.54
N SER B 325 2.01 22.50 -1.44
CA SER B 325 1.43 21.19 -1.17
C SER B 325 0.54 20.72 -2.31
N VAL B 326 -0.08 21.67 -2.99
CA VAL B 326 -1.03 21.38 -4.06
C VAL B 326 -0.35 20.83 -5.31
N ALA B 327 0.56 21.60 -5.89
CA ALA B 327 1.17 21.21 -7.16
C ALA B 327 2.66 21.58 -7.34
N GLY B 328 3.41 21.64 -6.24
CA GLY B 328 4.85 21.97 -6.26
C GLY B 328 5.72 20.93 -6.97
N VAL B 329 5.28 19.68 -6.94
CA VAL B 329 5.95 18.57 -7.65
C VAL B 329 5.90 18.75 -9.19
N LEU B 330 4.83 19.37 -9.67
CA LEU B 330 4.64 19.63 -11.10
C LEU B 330 5.58 20.72 -11.62
N VAL B 331 5.79 21.75 -10.80
CA VAL B 331 6.64 22.89 -11.15
C VAL B 331 8.09 22.42 -11.35
N GLU B 332 8.55 21.54 -10.45
CA GLU B 332 9.92 21.01 -10.47
C GLU B 332 10.11 19.92 -11.52
N ALA B 333 9.02 19.36 -12.03
CA ALA B 333 9.10 18.41 -13.13
C ALA B 333 9.10 19.11 -14.50
N HIS B 334 8.95 20.44 -14.47
CA HIS B 334 8.85 21.27 -15.68
C HIS B 334 9.92 22.37 -15.66
N ILE B 335 10.38 22.69 -14.46
CA ILE B 335 11.34 23.75 -14.21
C ILE B 335 12.43 23.21 -13.24
N GLY B 336 13.41 24.03 -12.88
CA GLY B 336 14.43 23.62 -11.90
C GLY B 336 13.91 23.54 -10.47
N GLU B 337 14.53 22.68 -9.64
CA GLU B 337 14.09 22.50 -8.25
C GLU B 337 14.41 23.72 -7.39
N GLU B 338 15.47 24.44 -7.77
CA GLU B 338 15.84 25.68 -7.11
C GLU B 338 15.21 26.86 -7.84
N LEU B 339 14.91 26.65 -9.12
CA LEU B 339 14.13 27.61 -9.92
C LEU B 339 12.67 27.67 -9.48
N SER B 340 12.20 26.61 -8.82
CA SER B 340 10.85 26.59 -8.27
C SER B 340 10.84 27.27 -6.89
N ASN B 341 11.91 27.08 -6.13
CA ASN B 341 12.05 27.70 -4.79
C ASN B 341 12.17 29.22 -4.85
N LYS B 342 12.37 29.75 -6.05
CA LYS B 342 12.44 31.19 -6.26
C LYS B 342 11.07 31.73 -6.68
N LEU B 343 10.29 30.88 -7.36
CA LEU B 343 8.91 31.19 -7.73
C LEU B 343 7.99 31.13 -6.50
N PHE B 344 8.00 29.96 -5.85
CA PHE B 344 7.25 29.77 -4.60
C PHE B 344 7.80 30.68 -3.49
N SER B 345 8.84 31.45 -3.85
CA SER B 345 9.46 32.46 -2.99
C SER B 345 8.98 33.86 -3.38
N ARG B 346 8.46 33.98 -4.60
CA ARG B 346 7.87 35.24 -5.07
C ARG B 346 6.38 35.40 -4.75
N VAL B 347 5.64 34.30 -4.84
CA VAL B 347 4.25 34.24 -4.41
C VAL B 347 4.15 34.71 -2.96
N GLU B 348 4.95 34.08 -2.09
CA GLU B 348 4.91 34.35 -0.65
C GLU B 348 5.43 35.74 -0.31
N SER B 349 6.00 36.38 -1.33
CA SER B 349 6.38 37.78 -1.25
C SER B 349 5.24 38.64 -1.79
N ARG B 350 4.54 38.12 -2.81
CA ARG B 350 3.37 38.78 -3.39
C ARG B 350 2.18 38.81 -2.43
N ALA B 351 1.87 37.65 -1.85
CA ALA B 351 0.72 37.49 -0.96
C ALA B 351 0.73 38.45 0.22
N THR B 352 1.91 38.63 0.84
CA THR B 352 2.07 39.54 1.98
C THR B 352 1.85 40.99 1.55
N SER B 353 2.24 41.28 0.32
CA SER B 353 2.10 42.62 -0.25
C SER B 353 0.65 43.09 -0.32
N HIS B 354 -0.23 42.29 -0.92
CA HIS B 354 -1.66 42.63 -0.95
C HIS B 354 -2.47 41.76 0.04
N ALA B 355 -1.83 41.35 1.13
CA ALA B 355 -2.42 40.55 2.21
C ALA B 355 -3.82 40.97 2.62
N LYS B 356 -4.14 42.23 2.34
CA LYS B 356 -5.45 42.77 2.60
C LYS B 356 -6.52 42.16 1.69
N ASP B 357 -6.27 42.15 0.38
CA ASP B 357 -7.18 41.57 -0.61
C ASP B 357 -7.24 40.03 -0.64
N VAL B 358 -6.60 39.37 0.32
CA VAL B 358 -6.57 37.91 0.35
C VAL B 358 -7.43 37.31 1.46
N LEU B 359 -7.29 37.84 2.68
CA LEU B 359 -8.12 37.40 3.79
C LEU B 359 -9.61 37.61 3.49
N VAL B 360 -9.88 38.58 2.63
CA VAL B 360 -11.23 39.04 2.33
C VAL B 360 -11.78 38.41 1.05
N ASN B 361 -10.90 38.17 0.08
CA ASN B 361 -11.32 37.62 -1.22
C ASN B 361 -11.00 36.16 -1.47
N LEU B 362 -10.22 35.52 -0.57
CA LEU B 362 -9.95 34.09 -0.71
C LEU B 362 -11.02 33.19 -0.07
N GLN B 363 -12.07 32.88 -0.86
CA GLN B 363 -13.16 31.98 -0.47
C GLN B 363 -13.25 30.78 -1.39
N PHE B 364 -13.43 29.62 -0.80
CA PHE B 364 -13.69 28.43 -1.59
C PHE B 364 -15.14 27.96 -1.52
N PHE B 365 -15.70 27.74 -2.70
CA PHE B 365 -16.99 27.11 -2.80
C PHE B 365 -16.79 25.62 -2.91
N HIS B 366 -17.59 24.85 -2.19
CA HIS B 366 -17.54 23.40 -2.26
C HIS B 366 -18.76 22.84 -2.97
N ILE B 367 -18.65 21.63 -3.47
CA ILE B 367 -19.78 20.95 -4.05
C ILE B 367 -19.77 19.59 -3.42
N VAL B 368 -20.91 19.18 -2.87
CA VAL B 368 -21.01 17.84 -2.30
C VAL B 368 -22.11 17.05 -2.96
N ALA B 369 -21.86 15.77 -3.14
CA ALA B 369 -22.84 14.92 -3.76
C ALA B 369 -23.06 13.70 -2.92
N SER B 370 -24.32 13.50 -2.50
CA SER B 370 -24.72 12.30 -1.74
C SER B 370 -25.55 11.41 -2.65
N LEU B 371 -24.86 10.44 -3.25
CA LEU B 371 -25.44 9.53 -4.23
C LEU B 371 -25.77 8.16 -3.67
N SER B 372 -26.88 7.58 -4.08
CA SER B 372 -27.16 6.20 -3.71
C SER B 372 -27.37 5.42 -4.99
N PHE B 373 -27.15 4.10 -4.94
CA PHE B 373 -27.20 3.26 -6.15
C PHE B 373 -28.54 2.59 -6.36
N THR B 374 -29.16 2.88 -7.52
CA THR B 374 -30.52 2.42 -7.89
C THR B 374 -31.54 3.58 -7.82
#